data_8WSU
#
_entry.id   8WSU
#
_cell.length_a   229.515
_cell.length_b   72.053
_cell.length_c   112.360
_cell.angle_alpha   90.000
_cell.angle_beta   111.470
_cell.angle_gamma   90.000
#
_symmetry.space_group_name_H-M   'C 1 2 1'
#
loop_
_entity.id
_entity.type
_entity.pdbx_description
1 polymer 'Glycoprotein C'
2 polymer Ab-H
3 polymer Ab-L
#
loop_
_entity_poly.entity_id
_entity_poly.type
_entity_poly.pdbx_seq_one_letter_code
_entity_poly.pdbx_strand_id
1 'polypeptide(L)'
;CDEMVHADSKLVSCRQGSGNMKECVTTGRALLPAVNPGQEACLHFTAPGSPDSKCLKIKVKRINLKCKKSSSYFVPDARS
RCTSVRRCRWAGDCQSGCPPHFTSNSFSDDWAGKMDRAGLGFSGCSDGCGGAACGCFNAAPSCIFWRKWVENPHGIIWKV
SPCVAWVPSAVIELTMPSGEVRTFHPMSGIPTQVFKGVSVTYLGSDMEVSGLTDLCEIEELKSKKLALAPCNQAGMGVVG
KVGEIQCSSEESARTIKKDGCIWNADLVGIELRVDDAVCYSKITSVEAVANYSAIPTTIGGLRFERSHDSQGKISGSPLD
ITAIRGSFSVNYRGLRLSLSEITATCTGEVTNVSGCYSCMTGAKVSIKLHSSKNSTAHVRCKGDETAFSVLEGVHSYTVS
LSFDHAVVDEQCQLNCGGHESQVTLKGNLIFLDHHHHHH
;
A,D
2 'polypeptide(L)'
;QVQLVQSGGGVVKTGRSQRVSCATSGFTFSSYAIHWVRQAPGKGLEWVAVISYDGSNKYYADSVKGRFTISRDSSKNTVY
LQMNSLRTEDTAVYYCARSQASWQAFDYWGQGTLVTVSSASTKGPSVFPLAPSSKSTSGGTAALGCLVKDYFPEPVTVSW
NSGALTSGVHTFPAVLQSSGLYSLSSVVTVPSSSLGTQTYICNVNHKPSNTKVDKKVEPKSCDK
;
B,E
3 'polypeptide(L)'
;DIQMTQSPSSLSASVGDRVTITCRASQGVGTDLAWYQQKPGKAPNRLIFAASNLQSGVPSRFSGSGSGTEFTLTISSLQP
EDFATYYCLHHNSFPLAFGGGTKVEIKRTVAAPSVFIFPPSDEQLKSGTASVVCLLNNFYPREAKVQWKVDNALQSGNSQ
ESVTEQDSKDSTYSLSSTLTLSKADYEKHKVYACEVTHQGLSSPVTKSFNRGEC
;
C,F
#
# COMPACT_ATOMS: atom_id res chain seq x y z
N LEU A 65 15.52 -71.30 43.91
CA LEU A 65 14.98 -70.90 42.61
C LEU A 65 15.95 -71.06 41.45
N LYS A 66 15.39 -71.35 40.28
CA LYS A 66 16.17 -71.71 39.13
C LYS A 66 15.61 -71.02 37.92
N CYS A 67 16.47 -70.89 36.92
CA CYS A 67 16.16 -70.13 35.71
C CYS A 67 15.51 -71.07 34.71
N LYS A 68 14.31 -70.72 34.22
CA LYS A 68 13.69 -71.54 33.17
C LYS A 68 14.19 -70.92 31.87
N LYS A 69 15.20 -71.58 31.27
CA LYS A 69 16.03 -71.03 30.20
C LYS A 69 15.40 -71.30 28.83
N SER A 70 15.17 -70.24 28.05
CA SER A 70 14.84 -70.42 26.65
C SER A 70 16.15 -70.70 25.95
N SER A 71 16.21 -70.51 24.64
CA SER A 71 17.49 -70.70 23.95
C SER A 71 18.51 -69.71 24.50
N SER A 72 19.77 -69.87 24.10
CA SER A 72 20.83 -69.01 24.61
C SER A 72 21.77 -68.61 23.46
N TYR A 73 22.48 -67.48 23.63
CA TYR A 73 23.39 -66.95 22.61
C TYR A 73 24.78 -66.74 23.22
N PHE A 74 25.73 -66.29 22.40
CA PHE A 74 27.06 -65.93 22.87
C PHE A 74 27.31 -64.43 22.77
N VAL A 75 28.08 -63.93 23.73
CA VAL A 75 28.50 -62.55 23.76
C VAL A 75 30.03 -62.59 23.71
N PRO A 76 30.69 -61.78 22.91
CA PRO A 76 32.15 -61.73 22.96
C PRO A 76 32.63 -60.68 23.93
N ASP A 77 33.92 -60.75 24.22
CA ASP A 77 34.71 -59.67 24.82
C ASP A 77 35.09 -58.68 23.73
N ALA A 78 34.20 -57.71 23.44
CA ALA A 78 34.39 -56.79 22.31
C ALA A 78 35.15 -55.53 22.75
N ARG A 79 36.37 -55.37 22.27
CA ARG A 79 37.18 -54.18 22.41
C ARG A 79 37.11 -53.49 21.07
N SER A 80 36.72 -52.22 21.06
CA SER A 80 36.34 -51.52 19.83
C SER A 80 37.53 -50.81 19.21
N ARG A 81 37.80 -51.05 17.95
CA ARG A 81 38.88 -50.36 17.28
C ARG A 81 38.42 -49.48 16.09
N CYS A 82 39.35 -48.68 15.52
CA CYS A 82 39.12 -48.04 14.22
C CYS A 82 40.37 -47.45 13.57
N THR A 83 40.26 -47.24 12.27
CA THR A 83 41.39 -46.82 11.47
C THR A 83 40.86 -46.00 10.33
N SER A 84 41.75 -45.20 9.75
CA SER A 84 41.39 -44.39 8.61
C SER A 84 42.65 -44.13 7.81
N VAL A 85 42.49 -44.07 6.49
CA VAL A 85 43.54 -43.70 5.56
C VAL A 85 43.00 -42.60 4.71
N ARG A 86 43.84 -41.59 4.43
CA ARG A 86 43.51 -40.47 3.56
C ARG A 86 44.23 -40.65 2.23
N ARG A 87 43.46 -40.82 1.17
CA ARG A 87 43.98 -40.83 -0.19
C ARG A 87 43.66 -39.53 -0.91
N CYS A 88 44.60 -39.13 -1.76
CA CYS A 88 44.54 -37.90 -2.51
C CYS A 88 43.53 -38.01 -3.67
N ARG A 89 43.17 -36.86 -4.24
CA ARG A 89 42.31 -36.90 -5.42
C ARG A 89 42.99 -37.62 -6.56
N TRP A 90 44.30 -37.39 -6.71
CA TRP A 90 45.07 -37.96 -7.83
C TRP A 90 45.25 -39.47 -7.73
N ALA A 91 44.61 -40.04 -6.71
CA ALA A 91 44.87 -41.43 -6.29
C ALA A 91 44.26 -42.48 -7.19
N GLY A 92 42.93 -42.55 -7.25
CA GLY A 92 42.38 -43.64 -8.04
C GLY A 92 41.22 -44.23 -7.30
N ASP A 93 40.91 -43.60 -6.19
CA ASP A 93 39.72 -43.88 -5.41
C ASP A 93 38.83 -42.67 -5.43
N CYS A 94 39.44 -41.52 -5.62
CA CYS A 94 38.87 -40.23 -5.32
C CYS A 94 38.52 -39.55 -6.64
N GLN A 95 37.29 -39.06 -6.78
CA GLN A 95 37.09 -38.40 -8.06
C GLN A 95 36.58 -36.99 -7.90
N SER A 96 35.33 -36.84 -7.48
CA SER A 96 34.80 -35.54 -7.01
C SER A 96 34.17 -35.81 -5.65
N GLY A 97 34.98 -36.50 -4.85
CA GLY A 97 34.60 -37.05 -3.57
C GLY A 97 34.81 -38.55 -3.48
N CYS A 98 33.96 -39.19 -2.73
CA CYS A 98 33.94 -40.57 -2.32
C CYS A 98 33.22 -41.44 -3.33
N PRO A 99 33.82 -42.58 -3.62
CA PRO A 99 33.16 -43.61 -4.43
C PRO A 99 31.83 -44.03 -3.82
N PRO A 100 30.77 -44.15 -4.64
CA PRO A 100 29.51 -44.74 -4.17
C PRO A 100 29.61 -46.24 -4.00
N HIS A 101 30.59 -46.89 -4.64
CA HIS A 101 30.87 -48.31 -4.48
C HIS A 101 31.68 -48.60 -3.22
N PHE A 102 31.83 -47.61 -2.33
CA PHE A 102 32.33 -47.83 -0.98
C PHE A 102 31.14 -47.85 -0.04
N THR A 103 31.06 -48.88 0.76
CA THR A 103 29.93 -49.05 1.65
C THR A 103 30.40 -49.66 2.95
N SER A 104 29.46 -49.75 3.88
CA SER A 104 29.74 -50.17 5.24
C SER A 104 30.27 -51.61 5.25
N ASN A 105 30.56 -52.19 4.08
CA ASN A 105 31.25 -53.48 4.07
C ASN A 105 32.41 -53.51 3.08
N SER A 106 32.80 -52.38 2.52
CA SER A 106 34.02 -52.32 1.73
C SER A 106 35.23 -52.07 2.63
N PHE A 107 36.39 -52.55 2.17
CA PHE A 107 37.67 -52.40 2.82
C PHE A 107 38.61 -51.66 1.90
N SER A 108 39.64 -51.04 2.48
CA SER A 108 40.73 -50.47 1.70
C SER A 108 41.95 -51.37 1.88
N ASP A 109 42.62 -51.68 0.77
CA ASP A 109 43.85 -52.45 0.83
C ASP A 109 44.96 -51.68 1.52
N ASP A 110 44.74 -50.38 1.76
CA ASP A 110 45.69 -49.41 2.28
C ASP A 110 45.67 -49.24 3.79
N TRP A 111 44.60 -49.66 4.45
CA TRP A 111 44.42 -49.43 5.87
C TRP A 111 45.57 -50.06 6.65
N ALA A 112 45.57 -49.81 7.97
CA ALA A 112 46.55 -50.44 8.86
C ALA A 112 46.20 -51.93 8.88
N GLY A 113 46.58 -52.60 7.77
CA GLY A 113 45.94 -53.79 7.21
C GLY A 113 45.93 -55.11 7.93
N LYS A 114 46.15 -55.09 9.23
CA LYS A 114 46.02 -56.30 10.03
C LYS A 114 44.59 -56.82 10.07
N MET A 115 43.66 -56.22 9.35
CA MET A 115 42.24 -56.32 9.64
C MET A 115 41.58 -57.63 9.26
N ASP A 116 40.72 -58.11 10.16
CA ASP A 116 40.11 -59.42 9.97
C ASP A 116 38.95 -59.15 9.04
N ARG A 117 39.13 -59.50 7.78
CA ARG A 117 38.20 -59.06 6.76
C ARG A 117 36.85 -59.75 6.87
N ALA A 118 36.74 -60.75 7.74
CA ALA A 118 35.50 -61.45 7.98
C ALA A 118 34.82 -61.03 9.26
N GLY A 119 35.21 -59.93 9.84
CA GLY A 119 34.71 -59.60 11.15
C GLY A 119 33.63 -58.53 11.15
N LEU A 120 33.00 -58.39 12.30
CA LEU A 120 31.89 -57.49 12.47
C LEU A 120 32.54 -56.14 12.56
N GLY A 121 32.04 -55.19 11.76
CA GLY A 121 32.60 -53.86 11.62
C GLY A 121 32.08 -53.10 10.42
N PHE A 122 32.28 -51.79 10.40
CA PHE A 122 31.54 -50.81 9.59
C PHE A 122 32.50 -49.85 8.88
N SER A 123 32.17 -49.42 7.66
CA SER A 123 33.10 -48.54 6.96
C SER A 123 32.39 -47.28 6.45
N GLY A 124 33.17 -46.43 5.81
CA GLY A 124 32.64 -45.17 5.32
C GLY A 124 33.78 -44.28 4.83
N CYS A 125 33.37 -43.15 4.23
CA CYS A 125 34.28 -42.22 3.58
C CYS A 125 33.74 -40.82 3.75
N SER A 126 34.65 -39.81 3.70
CA SER A 126 34.22 -38.41 3.58
C SER A 126 35.36 -37.62 2.94
N ASP A 127 35.03 -36.46 2.33
CA ASP A 127 36.09 -35.54 1.93
C ASP A 127 36.72 -34.96 3.18
N GLY A 128 38.02 -34.73 3.12
CA GLY A 128 38.74 -34.05 4.17
C GLY A 128 39.27 -32.71 3.72
N CYS A 129 40.16 -32.17 4.55
CA CYS A 129 40.99 -31.06 4.12
C CYS A 129 41.62 -31.40 2.79
N GLY A 130 41.33 -30.60 1.79
CA GLY A 130 42.15 -30.63 0.60
C GLY A 130 42.75 -29.31 0.25
N GLY A 131 44.04 -29.32 -0.02
CA GLY A 131 44.75 -28.09 -0.19
C GLY A 131 46.23 -28.36 -0.31
N ALA A 132 46.96 -27.31 -0.63
CA ALA A 132 48.41 -27.37 -0.54
C ALA A 132 48.90 -27.45 0.90
N ALA A 133 47.99 -27.52 1.89
CA ALA A 133 48.38 -27.69 3.29
C ALA A 133 48.03 -29.05 3.89
N CYS A 134 47.56 -30.04 3.12
CA CYS A 134 47.12 -31.32 3.71
C CYS A 134 47.60 -32.54 2.89
N GLY A 135 48.87 -32.54 2.45
CA GLY A 135 49.56 -33.73 1.94
C GLY A 135 49.39 -34.07 0.47
N CYS A 136 48.43 -33.47 -0.24
CA CYS A 136 48.17 -33.78 -1.63
C CYS A 136 48.40 -32.52 -2.48
N PHE A 137 49.30 -32.62 -3.46
CA PHE A 137 49.58 -31.54 -4.42
C PHE A 137 48.33 -31.10 -5.20
N ASN A 138 48.41 -29.89 -5.73
CA ASN A 138 47.43 -29.16 -6.57
C ASN A 138 46.24 -28.55 -5.81
N ALA A 139 46.21 -28.64 -4.47
CA ALA A 139 45.11 -28.11 -3.63
C ALA A 139 43.78 -28.84 -3.86
N ALA A 140 43.83 -30.18 -3.79
CA ALA A 140 42.66 -31.00 -4.06
C ALA A 140 42.02 -31.47 -2.75
N PRO A 141 40.73 -31.21 -2.50
CA PRO A 141 40.07 -31.83 -1.35
C PRO A 141 40.03 -33.35 -1.51
N SER A 142 40.63 -34.01 -0.55
CA SER A 142 41.07 -35.39 -0.59
C SER A 142 40.10 -36.28 0.18
N CYS A 143 40.21 -37.59 -0.05
CA CYS A 143 39.30 -38.59 0.51
C CYS A 143 39.91 -39.24 1.73
N ILE A 144 39.08 -39.46 2.75
CA ILE A 144 39.44 -40.20 3.95
C ILE A 144 38.48 -41.38 4.14
N PHE A 145 38.99 -42.62 4.05
CA PHE A 145 38.22 -43.87 4.21
C PHE A 145 38.52 -44.51 5.55
N TRP A 146 37.47 -44.95 6.25
CA TRP A 146 37.57 -45.37 7.64
C TRP A 146 36.69 -46.57 7.97
N ARG A 147 37.18 -47.40 8.90
CA ARG A 147 36.41 -48.54 9.40
C ARG A 147 36.42 -48.50 10.91
N LYS A 148 35.24 -48.63 11.53
CA LYS A 148 35.08 -48.77 12.96
C LYS A 148 34.60 -50.18 13.22
N TRP A 149 35.30 -50.93 14.06
CA TRP A 149 34.92 -52.33 14.24
C TRP A 149 35.08 -52.82 15.67
N VAL A 150 34.59 -54.01 15.95
CA VAL A 150 34.79 -54.60 17.26
C VAL A 150 35.72 -55.79 17.09
N GLU A 151 36.47 -56.13 18.14
CA GLU A 151 37.33 -57.29 18.05
C GLU A 151 37.41 -57.92 19.41
N ASN A 152 37.73 -59.21 19.43
CA ASN A 152 37.75 -60.04 20.64
C ASN A 152 39.16 -60.58 20.81
N PRO A 153 40.02 -59.80 21.47
CA PRO A 153 41.46 -60.10 21.39
C PRO A 153 41.84 -61.34 22.17
N HIS A 154 41.20 -61.56 23.32
CA HIS A 154 41.46 -62.68 24.21
C HIS A 154 40.45 -63.82 24.07
N GLY A 155 39.77 -63.92 22.95
CA GLY A 155 38.95 -65.11 22.74
C GLY A 155 37.89 -65.40 23.78
N ILE A 156 37.60 -64.44 24.64
CA ILE A 156 36.68 -64.64 25.76
C ILE A 156 35.27 -64.67 25.22
N ILE A 157 34.43 -65.51 25.81
CA ILE A 157 33.06 -65.69 25.33
C ILE A 157 32.19 -65.96 26.55
N TRP A 158 31.00 -65.41 26.58
CA TRP A 158 30.06 -65.74 27.64
C TRP A 158 28.80 -66.29 27.00
N LYS A 159 28.31 -67.40 27.49
CA LYS A 159 26.99 -67.89 27.09
C LYS A 159 25.92 -67.20 27.94
N VAL A 160 24.95 -66.53 27.29
CA VAL A 160 23.86 -65.84 27.97
C VAL A 160 22.57 -66.59 27.71
N SER A 161 21.78 -66.83 28.77
CA SER A 161 20.53 -67.58 28.66
C SER A 161 19.39 -66.86 29.36
N PRO A 162 18.48 -66.22 28.62
CA PRO A 162 17.31 -65.56 29.25
C PRO A 162 16.43 -66.53 30.03
N CYS A 163 15.92 -66.06 31.16
CA CYS A 163 15.03 -66.84 32.00
C CYS A 163 13.59 -66.54 31.61
N VAL A 164 12.89 -67.54 31.06
CA VAL A 164 11.53 -67.29 30.60
C VAL A 164 10.58 -67.18 31.78
N ALA A 165 10.74 -68.06 32.76
CA ALA A 165 10.04 -67.96 34.02
C ALA A 165 10.97 -68.48 35.11
N TRP A 166 10.96 -67.80 36.25
CA TRP A 166 11.65 -68.29 37.42
C TRP A 166 10.83 -69.39 38.06
N VAL A 167 11.49 -70.52 38.35
CA VAL A 167 10.76 -71.70 38.80
C VAL A 167 11.39 -72.28 40.05
N PRO A 168 10.57 -72.64 41.05
CA PRO A 168 11.11 -73.02 42.36
C PRO A 168 11.97 -74.28 42.36
N SER A 169 13.07 -74.20 43.11
CA SER A 169 13.92 -75.34 43.46
C SER A 169 14.92 -74.90 44.53
N LEU A 212 13.84 -58.97 38.25
CA LEU A 212 13.20 -60.27 38.32
C LEU A 212 12.77 -60.77 36.96
N THR A 213 11.86 -60.06 36.31
CA THR A 213 11.71 -60.25 34.88
C THR A 213 13.02 -59.90 34.16
N ASP A 214 13.19 -60.48 32.98
CA ASP A 214 14.25 -60.06 32.07
C ASP A 214 15.62 -60.19 32.71
N LEU A 215 15.79 -61.22 33.53
CA LEU A 215 17.10 -61.65 34.00
C LEU A 215 17.59 -62.80 33.14
N CYS A 216 18.90 -63.05 33.20
CA CYS A 216 19.54 -64.04 32.35
C CYS A 216 20.73 -64.64 33.09
N GLU A 217 20.91 -65.97 32.97
CA GLU A 217 22.14 -66.65 33.41
C GLU A 217 23.29 -66.39 32.46
N ILE A 218 24.43 -65.92 32.99
CA ILE A 218 25.61 -65.59 32.19
C ILE A 218 26.79 -66.47 32.61
N GLU A 219 27.00 -67.55 31.88
CA GLU A 219 28.11 -68.46 32.15
C GLU A 219 29.35 -68.01 31.40
N GLU A 220 30.45 -67.85 32.13
CA GLU A 220 31.72 -67.66 31.46
C GLU A 220 32.08 -69.02 30.85
N LEU A 221 32.88 -69.03 29.78
CA LEU A 221 33.16 -70.34 29.19
C LEU A 221 34.50 -70.96 29.56
N LYS A 222 35.55 -70.18 29.80
CA LYS A 222 36.74 -70.80 30.36
C LYS A 222 36.54 -71.08 31.85
N SER A 223 36.33 -70.02 32.66
CA SER A 223 36.21 -70.12 34.12
C SER A 223 34.93 -70.81 34.59
N LYS A 224 33.96 -71.03 33.72
CA LYS A 224 32.67 -71.61 34.07
C LYS A 224 31.97 -70.90 35.24
N LYS A 225 32.49 -69.72 35.63
CA LYS A 225 31.86 -68.90 36.66
C LYS A 225 30.48 -68.42 36.20
N LEU A 226 29.46 -68.62 37.03
CA LEU A 226 28.11 -68.20 36.65
C LEU A 226 27.77 -66.85 37.26
N ALA A 227 26.78 -66.19 36.66
CA ALA A 227 26.31 -64.86 37.08
C ALA A 227 24.88 -64.64 36.61
N LEU A 228 24.23 -63.63 37.18
CA LEU A 228 22.88 -63.23 36.78
C LEU A 228 22.85 -61.75 36.47
N ALA A 229 22.21 -61.37 35.36
CA ALA A 229 22.07 -59.96 35.02
C ALA A 229 20.97 -59.81 34.00
N PRO A 230 20.43 -58.61 33.81
CA PRO A 230 19.52 -58.40 32.68
C PRO A 230 20.28 -58.50 31.36
N CYS A 231 19.58 -59.01 30.33
CA CYS A 231 20.15 -59.14 28.99
C CYS A 231 19.06 -59.01 27.94
N ASN A 232 19.47 -58.72 26.70
CA ASN A 232 18.56 -58.65 25.56
C ASN A 232 18.05 -60.04 25.22
N GLN A 233 16.83 -60.09 24.67
CA GLN A 233 16.35 -61.33 24.09
C GLN A 233 17.15 -61.66 22.82
N ALA A 234 17.24 -62.95 22.52
CA ALA A 234 17.98 -63.43 21.36
C ALA A 234 17.57 -62.66 20.12
N GLY A 235 18.56 -62.16 19.37
CA GLY A 235 18.28 -61.49 18.12
C GLY A 235 17.94 -60.01 18.16
N MET A 236 18.44 -59.24 19.14
CA MET A 236 18.14 -57.81 19.25
C MET A 236 19.39 -57.05 19.69
N GLY A 237 20.09 -56.42 18.73
CA GLY A 237 21.33 -55.72 19.06
C GLY A 237 21.11 -54.39 19.79
N VAL A 238 20.13 -54.40 20.72
CA VAL A 238 19.73 -53.29 21.60
C VAL A 238 20.91 -52.74 22.37
N VAL A 239 21.24 -51.46 22.14
CA VAL A 239 22.24 -50.81 22.96
C VAL A 239 21.75 -50.80 24.41
N GLY A 240 22.71 -50.95 25.35
CA GLY A 240 22.49 -50.73 26.77
C GLY A 240 22.63 -51.96 27.64
N LYS A 241 22.22 -53.14 27.14
CA LYS A 241 22.15 -54.37 27.93
C LYS A 241 23.06 -55.41 27.30
N VAL A 242 23.39 -56.41 28.12
CA VAL A 242 24.19 -57.55 27.68
C VAL A 242 23.54 -58.17 26.44
N GLY A 243 24.33 -58.40 25.39
CA GLY A 243 23.79 -58.82 24.11
C GLY A 243 23.56 -57.68 23.13
N GLU A 244 24.12 -56.51 23.39
CA GLU A 244 24.30 -55.56 22.32
C GLU A 244 24.83 -56.27 21.09
N ILE A 245 25.92 -57.01 21.27
CA ILE A 245 26.49 -57.91 20.28
C ILE A 245 26.16 -59.32 20.72
N GLN A 246 25.45 -60.07 19.86
CA GLN A 246 25.01 -61.46 20.05
C GLN A 246 25.56 -62.35 18.95
N CYS A 247 26.25 -63.41 19.31
CA CYS A 247 26.75 -64.35 18.30
C CYS A 247 25.99 -65.67 18.39
N SER A 248 25.84 -66.36 17.25
CA SER A 248 25.04 -67.59 17.18
C SER A 248 25.86 -68.86 17.40
N SER A 249 27.14 -68.74 17.73
CA SER A 249 28.01 -69.90 17.81
C SER A 249 29.30 -69.50 18.49
N GLU A 250 29.84 -70.39 19.31
CA GLU A 250 31.07 -70.07 20.01
C GLU A 250 32.18 -69.68 19.04
N GLU A 251 32.20 -70.26 17.84
CA GLU A 251 33.21 -69.83 16.88
C GLU A 251 32.96 -68.39 16.43
N SER A 252 31.69 -68.01 16.26
CA SER A 252 31.38 -66.64 15.84
C SER A 252 31.77 -65.63 16.92
N ALA A 253 31.45 -65.90 18.17
CA ALA A 253 31.87 -64.97 19.21
C ALA A 253 33.39 -64.98 19.42
N ARG A 254 34.12 -66.02 19.03
CA ARG A 254 35.55 -66.05 19.34
C ARG A 254 36.32 -64.92 18.64
N THR A 255 35.90 -64.58 17.42
CA THR A 255 36.51 -63.47 16.70
C THR A 255 35.46 -62.50 16.17
N ILE A 256 34.24 -62.61 16.70
CA ILE A 256 33.11 -61.78 16.31
C ILE A 256 33.08 -61.95 14.82
N LYS A 257 32.69 -63.12 14.34
CA LYS A 257 32.56 -63.28 12.90
C LYS A 257 31.43 -62.39 12.40
N LYS A 258 31.63 -61.78 11.21
CA LYS A 258 30.54 -61.02 10.62
C LYS A 258 29.31 -61.88 10.46
N ASP A 259 29.52 -63.17 10.28
CA ASP A 259 28.44 -64.08 9.90
C ASP A 259 27.52 -64.44 11.06
N GLY A 260 28.05 -65.18 12.05
CA GLY A 260 27.21 -65.65 13.14
C GLY A 260 26.68 -64.56 14.07
N CYS A 261 27.29 -63.35 14.04
CA CYS A 261 27.11 -62.32 15.05
C CYS A 261 26.32 -61.14 14.52
N ILE A 262 25.53 -60.52 15.40
CA ILE A 262 24.76 -59.34 15.05
C ILE A 262 25.28 -58.16 15.86
N TRP A 263 24.74 -56.97 15.62
CA TRP A 263 24.97 -55.76 16.41
C TRP A 263 24.27 -54.58 15.77
N ASN A 264 24.12 -53.55 16.57
CA ASN A 264 24.04 -52.21 16.03
C ASN A 264 25.46 -51.72 15.80
N ALA A 265 25.68 -51.00 14.72
CA ALA A 265 27.03 -50.46 14.63
C ALA A 265 27.14 -49.10 15.27
N ASP A 266 26.05 -48.55 15.81
CA ASP A 266 26.16 -47.29 16.55
C ASP A 266 26.57 -47.50 18.01
N LEU A 267 26.81 -48.74 18.41
CA LEU A 267 27.48 -49.00 19.68
C LEU A 267 28.89 -48.45 19.62
N VAL A 268 29.47 -48.37 18.45
CA VAL A 268 30.79 -47.77 18.28
C VAL A 268 30.66 -46.50 17.44
N GLY A 269 31.22 -45.41 17.98
CA GLY A 269 31.39 -44.17 17.25
C GLY A 269 32.83 -43.94 16.81
N ILE A 270 32.99 -43.24 15.72
CA ILE A 270 34.29 -42.76 15.29
C ILE A 270 34.13 -41.27 15.11
N GLU A 271 35.21 -40.52 15.37
CA GLU A 271 35.27 -39.10 15.06
C GLU A 271 36.56 -38.84 14.31
N LEU A 272 36.44 -38.31 13.12
CA LEU A 272 37.62 -38.22 12.28
C LEU A 272 38.42 -37.04 12.75
N ARG A 273 39.73 -37.12 12.59
CA ARG A 273 40.62 -35.97 12.67
C ARG A 273 41.46 -35.96 11.40
N VAL A 274 42.49 -35.11 11.38
CA VAL A 274 43.23 -34.86 10.16
C VAL A 274 44.02 -36.08 9.73
N ASP A 275 44.72 -36.71 10.67
CA ASP A 275 45.63 -37.78 10.29
C ASP A 275 45.41 -39.06 11.09
N ASP A 276 44.28 -39.20 11.77
CA ASP A 276 43.90 -40.42 12.47
C ASP A 276 42.44 -40.25 12.83
N ALA A 277 41.90 -41.10 13.67
CA ALA A 277 40.56 -40.80 14.11
C ALA A 277 40.41 -41.29 15.53
N VAL A 278 39.26 -41.05 16.12
CA VAL A 278 39.11 -41.22 17.55
C VAL A 278 37.93 -42.13 17.77
N CYS A 279 38.15 -43.44 18.02
CA CYS A 279 37.02 -44.28 18.42
C CYS A 279 36.50 -44.05 19.81
N TYR A 280 35.20 -44.23 19.86
CA TYR A 280 34.34 -44.20 21.01
C TYR A 280 33.61 -45.55 21.12
N SER A 281 33.31 -45.98 22.34
CA SER A 281 32.65 -47.27 22.51
C SER A 281 31.47 -47.05 23.43
N LYS A 282 30.27 -47.40 22.99
CA LYS A 282 29.17 -47.45 23.94
C LYS A 282 28.83 -48.85 24.33
N ILE A 283 29.77 -49.78 24.22
CA ILE A 283 29.52 -51.21 24.45
C ILE A 283 29.44 -51.52 25.94
N THR A 284 28.33 -52.10 26.39
CA THR A 284 28.25 -52.59 27.78
C THR A 284 29.09 -53.86 27.99
N SER A 285 30.04 -53.83 28.93
CA SER A 285 30.92 -55.00 29.15
C SER A 285 30.25 -56.03 30.06
N VAL A 286 30.29 -57.30 29.62
CA VAL A 286 29.79 -58.40 30.46
C VAL A 286 30.47 -58.39 31.81
N GLU A 287 31.81 -58.29 31.81
CA GLU A 287 32.59 -58.41 33.04
C GLU A 287 32.22 -57.33 34.05
N ALA A 288 31.73 -56.20 33.55
CA ALA A 288 31.26 -55.07 34.35
C ALA A 288 29.79 -55.18 34.74
N VAL A 289 29.10 -56.23 34.29
CA VAL A 289 27.78 -56.53 34.81
C VAL A 289 27.75 -57.85 35.62
N ALA A 290 28.79 -58.68 35.53
CA ALA A 290 28.80 -60.06 36.03
C ALA A 290 29.84 -60.41 37.09
N ASN A 291 30.57 -59.45 37.67
CA ASN A 291 31.30 -59.69 38.92
C ASN A 291 30.59 -59.13 40.16
N TYR A 292 29.77 -58.09 39.99
CA TYR A 292 28.93 -57.54 41.07
C TYR A 292 27.79 -58.49 41.42
N SER A 293 27.27 -59.22 40.44
CA SER A 293 26.18 -60.16 40.63
C SER A 293 26.62 -61.58 40.31
N ALA A 294 27.90 -61.89 40.56
CA ALA A 294 28.52 -63.20 40.27
C ALA A 294 28.26 -64.26 41.32
N GLN B 1 34.45 -31.45 -1.15
CA GLN B 1 34.04 -31.07 0.20
C GLN B 1 32.58 -31.43 0.60
N VAL B 2 32.38 -31.63 1.90
CA VAL B 2 31.11 -32.12 2.46
C VAL B 2 30.03 -31.05 2.41
N GLN B 3 28.86 -31.40 1.90
CA GLN B 3 27.78 -30.43 1.80
C GLN B 3 26.42 -31.05 2.05
N LEU B 4 25.50 -30.25 2.57
CA LEU B 4 24.11 -30.63 2.83
C LEU B 4 23.19 -29.50 2.44
N VAL B 5 22.27 -29.75 1.50
CA VAL B 5 21.52 -28.73 0.77
C VAL B 5 20.05 -28.84 1.14
N GLN B 6 19.52 -27.93 1.94
CA GLN B 6 18.10 -28.09 2.22
C GLN B 6 17.25 -27.51 1.11
N SER B 7 15.95 -27.80 1.21
CA SER B 7 14.93 -27.19 0.36
C SER B 7 13.57 -27.63 0.84
N GLY B 8 12.56 -26.84 0.51
CA GLY B 8 11.19 -27.16 0.84
C GLY B 8 10.53 -26.33 1.94
N GLY B 9 11.01 -25.13 2.22
CA GLY B 9 10.41 -24.33 3.27
C GLY B 9 9.05 -23.78 2.88
N GLY B 10 8.69 -22.61 3.40
CA GLY B 10 7.50 -21.93 2.95
C GLY B 10 6.58 -21.57 4.09
N VAL B 11 5.45 -21.04 3.73
CA VAL B 11 4.42 -20.74 4.71
C VAL B 11 3.50 -21.96 4.77
N VAL B 12 2.85 -22.19 5.92
CA VAL B 12 1.93 -23.32 6.07
C VAL B 12 0.91 -23.02 7.17
N LYS B 13 -0.34 -23.40 6.92
CA LYS B 13 -1.40 -23.11 7.87
C LYS B 13 -1.18 -23.88 9.15
N THR B 14 -1.50 -23.25 10.27
CA THR B 14 -1.57 -23.97 11.52
C THR B 14 -2.44 -25.20 11.33
N GLY B 15 -1.90 -26.39 11.68
CA GLY B 15 -2.62 -27.65 11.59
C GLY B 15 -2.24 -28.53 10.40
N ARG B 16 -1.63 -27.95 9.37
CA ARG B 16 -1.32 -28.62 8.11
C ARG B 16 0.02 -29.37 8.19
N SER B 17 0.61 -29.64 7.03
CA SER B 17 1.74 -30.51 6.83
C SER B 17 2.86 -29.74 6.17
N GLN B 18 4.08 -30.24 6.26
CA GLN B 18 5.20 -29.69 5.51
C GLN B 18 6.30 -30.74 5.41
N ARG B 19 7.12 -30.64 4.37
CA ARG B 19 8.24 -31.55 4.19
C ARG B 19 9.49 -30.73 3.91
N VAL B 20 10.47 -30.80 4.81
CA VAL B 20 11.75 -30.17 4.53
C VAL B 20 12.67 -31.28 4.12
N SER B 21 13.66 -30.97 3.29
CA SER B 21 14.53 -32.05 2.84
C SER B 21 15.96 -31.56 2.80
N CYS B 22 16.87 -32.54 2.80
CA CYS B 22 18.29 -32.34 3.06
C CYS B 22 19.07 -33.27 2.14
N ALA B 23 19.77 -32.75 1.16
CA ALA B 23 20.42 -33.62 0.18
C ALA B 23 21.90 -33.43 0.22
N THR B 24 22.62 -34.52 0.41
CA THR B 24 24.00 -34.47 0.86
C THR B 24 24.96 -35.01 -0.17
N SER B 25 26.12 -34.38 -0.21
CA SER B 25 27.22 -34.87 -1.00
C SER B 25 28.47 -34.73 -0.17
N GLY B 26 29.55 -35.31 -0.68
CA GLY B 26 30.85 -35.18 -0.09
C GLY B 26 31.30 -36.37 0.68
N PHE B 27 30.37 -37.20 1.14
CA PHE B 27 30.70 -38.29 2.06
C PHE B 27 29.95 -39.54 1.61
N THR B 28 29.74 -40.49 2.50
CA THR B 28 29.12 -41.76 2.07
C THR B 28 27.77 -41.88 2.78
N PHE B 29 26.72 -41.33 2.18
CA PHE B 29 25.44 -41.06 2.83
C PHE B 29 25.00 -42.09 3.87
N SER B 30 25.06 -43.37 3.53
CA SER B 30 24.51 -44.44 4.34
C SER B 30 25.48 -44.96 5.42
N SER B 31 26.55 -44.22 5.71
CA SER B 31 27.35 -44.39 6.90
C SER B 31 27.07 -43.35 7.98
N TYR B 32 26.28 -42.31 7.74
CA TYR B 32 26.11 -41.30 8.76
C TYR B 32 24.66 -41.14 9.10
N ALA B 33 24.40 -40.90 10.37
CA ALA B 33 23.12 -40.42 10.79
C ALA B 33 22.96 -38.94 10.46
N ILE B 34 21.71 -38.50 10.43
CA ILE B 34 21.36 -37.12 10.12
C ILE B 34 20.44 -36.63 11.21
N HIS B 35 20.65 -35.39 11.64
CA HIS B 35 19.82 -34.79 12.66
C HIS B 35 19.13 -33.57 12.07
N TRP B 36 18.00 -33.21 12.67
CA TRP B 36 17.39 -31.93 12.42
C TRP B 36 17.44 -31.14 13.72
N VAL B 37 17.97 -29.90 13.60
CA VAL B 37 18.02 -28.83 14.62
C VAL B 37 17.24 -27.62 14.09
N ARG B 38 16.35 -27.09 14.89
CA ARG B 38 15.56 -25.97 14.45
C ARG B 38 15.80 -24.80 15.37
N GLN B 39 15.56 -23.59 14.84
CA GLN B 39 15.77 -22.32 15.53
C GLN B 39 14.60 -21.38 15.27
N ALA B 40 13.79 -21.14 16.29
CA ALA B 40 12.74 -20.13 16.16
C ALA B 40 13.42 -18.78 15.89
N PRO B 41 12.71 -17.71 15.51
CA PRO B 41 13.41 -16.47 15.10
C PRO B 41 14.06 -15.83 16.31
N GLY B 42 15.39 -15.67 16.26
CA GLY B 42 16.09 -15.07 17.39
C GLY B 42 16.02 -15.87 18.69
N LYS B 43 15.94 -17.17 18.61
CA LYS B 43 15.93 -17.98 19.80
C LYS B 43 17.14 -18.89 19.73
N GLY B 44 17.25 -19.83 20.66
CA GLY B 44 18.41 -20.69 20.68
C GLY B 44 18.29 -21.77 19.67
N LEU B 45 19.29 -22.63 19.66
CA LEU B 45 19.17 -23.81 18.83
C LEU B 45 18.42 -24.85 19.62
N GLU B 46 17.62 -25.64 18.93
CA GLU B 46 16.84 -26.72 19.52
C GLU B 46 17.01 -27.95 18.65
N TRP B 47 17.25 -29.10 19.30
CA TRP B 47 17.46 -30.36 18.62
C TRP B 47 16.09 -30.96 18.32
N VAL B 48 15.87 -31.40 17.07
CA VAL B 48 14.55 -31.88 16.65
C VAL B 48 14.52 -33.40 16.60
N ALA B 49 15.34 -34.01 15.74
CA ALA B 49 15.31 -35.47 15.62
C ALA B 49 16.59 -35.97 14.96
N VAL B 50 16.72 -37.29 14.91
CA VAL B 50 17.85 -37.92 14.22
C VAL B 50 17.45 -39.30 13.75
N ILE B 51 17.97 -39.67 12.58
CA ILE B 51 17.80 -40.98 11.96
C ILE B 51 19.17 -41.62 11.79
N SER B 52 19.27 -42.91 12.13
CA SER B 52 20.54 -43.63 12.15
C SER B 52 21.04 -43.89 10.74
N TYR B 53 22.17 -44.61 10.63
CA TYR B 53 22.84 -44.81 9.35
C TYR B 53 21.96 -45.55 8.36
N ASP B 54 21.01 -46.34 8.86
CA ASP B 54 20.20 -47.22 8.04
C ASP B 54 18.71 -46.99 8.18
N GLY B 55 18.29 -45.98 8.93
CA GLY B 55 16.89 -45.75 9.18
C GLY B 55 16.28 -46.54 10.32
N SER B 56 17.01 -47.51 10.89
CA SER B 56 16.45 -48.40 11.91
C SER B 56 16.14 -47.66 13.21
N ASN B 57 16.97 -46.71 13.58
CA ASN B 57 16.79 -45.99 14.82
C ASN B 57 16.40 -44.57 14.50
N LYS B 58 15.25 -44.15 15.00
CA LYS B 58 14.83 -42.76 14.91
C LYS B 58 14.50 -42.29 16.31
N TYR B 59 15.02 -41.14 16.68
CA TYR B 59 14.70 -40.55 17.96
C TYR B 59 14.32 -39.09 17.75
N TYR B 60 13.41 -38.62 18.60
CA TYR B 60 12.74 -37.34 18.45
C TYR B 60 12.76 -36.55 19.75
N ALA B 61 12.88 -35.22 19.62
CA ALA B 61 12.72 -34.33 20.77
C ALA B 61 11.32 -34.50 21.34
N ASP B 62 11.16 -34.13 22.61
CA ASP B 62 9.88 -34.40 23.25
C ASP B 62 8.79 -33.47 22.80
N SER B 63 9.12 -32.40 22.09
CA SER B 63 8.15 -31.41 21.66
C SER B 63 7.49 -31.75 20.34
N VAL B 64 8.16 -32.48 19.45
CA VAL B 64 7.55 -32.94 18.20
C VAL B 64 7.29 -34.44 18.16
N LYS B 65 7.89 -35.25 19.04
CA LYS B 65 7.63 -36.70 19.08
C LYS B 65 6.13 -36.96 19.08
N GLY B 66 5.71 -37.84 18.17
CA GLY B 66 4.30 -38.02 17.93
C GLY B 66 3.72 -37.15 16.83
N ARG B 67 4.50 -36.22 16.28
CA ARG B 67 4.06 -35.38 15.18
C ARG B 67 5.05 -35.29 14.00
N PHE B 68 6.33 -35.52 14.20
CA PHE B 68 7.30 -35.45 13.11
C PHE B 68 7.81 -36.84 12.73
N THR B 69 8.25 -36.95 11.47
CA THR B 69 8.89 -38.16 10.92
C THR B 69 10.22 -37.82 10.27
N ILE B 70 11.24 -38.60 10.55
CA ILE B 70 12.46 -38.48 9.77
C ILE B 70 12.52 -39.73 8.91
N SER B 71 13.18 -39.63 7.77
CA SER B 71 13.29 -40.80 6.90
C SER B 71 14.41 -40.56 5.91
N ARG B 72 14.83 -41.60 5.21
CA ARG B 72 15.96 -41.39 4.32
C ARG B 72 15.90 -42.29 3.08
N ASP B 73 16.48 -41.79 1.99
CA ASP B 73 16.41 -42.42 0.68
C ASP B 73 17.83 -42.70 0.20
N SER B 74 18.28 -43.94 0.36
CA SER B 74 19.65 -44.32 0.01
C SER B 74 20.05 -43.83 -1.38
N SER B 75 19.11 -43.85 -2.34
CA SER B 75 19.40 -43.62 -3.76
C SER B 75 19.55 -42.15 -4.10
N LYS B 76 18.77 -41.28 -3.49
CA LYS B 76 18.86 -39.85 -3.75
C LYS B 76 19.85 -39.13 -2.83
N ASN B 77 20.54 -39.84 -1.94
CA ASN B 77 21.33 -39.21 -0.89
C ASN B 77 20.59 -38.09 -0.18
N THR B 78 19.40 -38.38 0.29
CA THR B 78 18.55 -37.35 0.87
C THR B 78 17.93 -37.85 2.17
N VAL B 79 17.71 -36.92 3.11
CA VAL B 79 16.96 -37.18 4.34
C VAL B 79 15.78 -36.21 4.37
N TYR B 80 14.62 -36.69 4.81
CA TYR B 80 13.36 -35.93 4.84
C TYR B 80 12.88 -35.77 6.26
N LEU B 81 12.43 -34.58 6.63
CA LEU B 81 11.69 -34.39 7.86
C LEU B 81 10.27 -34.02 7.49
N GLN B 82 9.32 -34.88 7.85
CA GLN B 82 7.90 -34.66 7.70
C GLN B 82 7.32 -34.03 8.96
N MET B 83 6.42 -33.08 8.78
CA MET B 83 5.92 -32.28 9.89
C MET B 83 4.41 -32.25 9.76
N ASN B 84 3.72 -32.96 10.63
CA ASN B 84 2.27 -33.01 10.56
C ASN B 84 1.68 -32.29 11.75
N SER B 85 0.38 -31.98 11.64
CA SER B 85 -0.34 -31.23 12.66
C SER B 85 0.49 -30.05 13.17
N LEU B 86 1.17 -29.34 12.25
CA LEU B 86 2.09 -28.26 12.61
C LEU B 86 1.38 -27.21 13.42
N ARG B 87 2.11 -26.58 14.34
CA ARG B 87 1.58 -25.49 15.16
C ARG B 87 2.43 -24.23 14.98
N THR B 88 1.89 -23.10 15.46
CA THR B 88 2.55 -21.83 15.25
C THR B 88 3.97 -21.83 15.79
N GLU B 89 4.21 -22.44 16.96
CA GLU B 89 5.54 -22.36 17.56
C GLU B 89 6.59 -23.07 16.74
N ASP B 90 6.19 -24.09 15.98
CA ASP B 90 7.10 -24.83 15.09
C ASP B 90 7.82 -23.95 14.06
N THR B 91 7.45 -22.67 13.91
CA THR B 91 8.12 -21.79 12.96
C THR B 91 9.57 -21.60 13.31
N ALA B 92 10.45 -21.94 12.35
CA ALA B 92 11.88 -21.91 12.63
C ALA B 92 12.66 -22.17 11.36
N VAL B 93 13.96 -21.88 11.41
CA VAL B 93 14.89 -22.34 10.38
C VAL B 93 15.26 -23.77 10.72
N TYR B 94 15.08 -24.72 9.78
CA TYR B 94 15.40 -26.12 10.04
C TYR B 94 16.71 -26.45 9.37
N TYR B 95 17.69 -26.76 10.19
CA TYR B 95 19.02 -27.12 9.77
C TYR B 95 19.12 -28.63 9.93
N CYS B 96 19.75 -29.28 8.98
CA CYS B 96 20.03 -30.70 9.09
C CYS B 96 21.54 -30.84 9.24
N ALA B 97 21.99 -31.76 10.08
CA ALA B 97 23.43 -31.90 10.17
C ALA B 97 23.87 -33.35 10.34
N ARG B 98 25.08 -33.57 9.81
CA ARG B 98 25.74 -34.85 9.80
C ARG B 98 26.14 -35.27 11.20
N SER B 99 26.19 -36.59 11.40
CA SER B 99 26.64 -37.19 12.64
C SER B 99 26.96 -38.63 12.30
N GLN B 100 28.11 -39.15 12.69
CA GLN B 100 28.37 -40.53 12.28
C GLN B 100 27.55 -41.53 13.09
N ALA B 101 27.83 -41.71 14.36
CA ALA B 101 26.87 -42.53 15.04
C ALA B 101 25.60 -41.72 15.22
N SER B 102 24.51 -42.39 15.49
CA SER B 102 23.35 -41.56 15.74
C SER B 102 23.45 -40.78 17.04
N TRP B 103 24.41 -41.05 17.91
CA TRP B 103 24.49 -40.38 19.21
C TRP B 103 25.60 -39.34 19.26
N GLN B 104 26.42 -39.24 18.23
CA GLN B 104 27.54 -38.32 18.31
C GLN B 104 27.16 -36.85 18.03
N ALA B 105 28.12 -35.97 18.28
CA ALA B 105 27.91 -34.59 17.88
C ALA B 105 27.80 -34.51 16.38
N PHE B 106 27.06 -33.48 15.94
CA PHE B 106 26.91 -33.11 14.54
C PHE B 106 28.18 -32.42 14.11
N ASP B 107 28.64 -32.64 12.88
CA ASP B 107 29.71 -31.77 12.45
C ASP B 107 29.32 -30.78 11.36
N TYR B 108 28.94 -31.20 10.18
CA TYR B 108 28.72 -30.26 9.09
C TYR B 108 27.25 -29.86 9.04
N TRP B 109 26.97 -28.59 8.86
CA TRP B 109 25.57 -28.17 8.94
C TRP B 109 24.95 -27.97 7.56
N GLY B 110 23.62 -27.90 7.58
CA GLY B 110 22.90 -27.39 6.45
C GLY B 110 22.69 -25.90 6.57
N GLN B 111 22.25 -25.31 5.45
CA GLN B 111 21.99 -23.87 5.35
C GLN B 111 20.63 -23.50 5.90
N GLY B 112 19.84 -24.46 6.31
CA GLY B 112 18.55 -24.09 6.84
C GLY B 112 17.52 -23.94 5.76
N THR B 113 16.32 -24.41 6.06
CA THR B 113 15.15 -24.15 5.27
C THR B 113 14.11 -23.56 6.23
N LEU B 114 13.60 -22.39 5.90
CA LEU B 114 12.70 -21.69 6.82
C LEU B 114 11.29 -22.22 6.68
N VAL B 115 10.62 -22.48 7.81
CA VAL B 115 9.21 -22.85 7.83
C VAL B 115 8.46 -21.86 8.72
N THR B 116 7.41 -21.24 8.16
CA THR B 116 6.59 -20.27 8.88
C THR B 116 5.17 -20.84 8.98
N VAL B 117 4.71 -21.12 10.19
CA VAL B 117 3.43 -21.80 10.42
C VAL B 117 2.47 -20.85 11.12
N SER B 118 1.42 -20.43 10.42
CA SER B 118 0.55 -19.39 10.92
C SER B 118 -0.85 -19.60 10.36
N SER B 119 -1.86 -19.28 11.16
CA SER B 119 -3.21 -19.22 10.61
C SER B 119 -3.42 -17.99 9.77
N ALA B 120 -2.39 -17.18 9.58
CA ALA B 120 -2.55 -15.95 8.83
C ALA B 120 -2.49 -16.24 7.33
N SER B 121 -2.76 -15.18 6.57
CA SER B 121 -2.93 -15.23 5.13
C SER B 121 -2.37 -13.95 4.52
N THR B 122 -1.77 -14.07 3.33
CA THR B 122 -0.91 -13.01 2.81
C THR B 122 -1.64 -11.67 2.82
N LYS B 123 -0.97 -10.63 3.34
CA LYS B 123 -1.51 -9.28 3.36
C LYS B 123 -0.41 -8.28 3.02
N GLY B 124 -0.79 -7.13 2.47
CA GLY B 124 0.15 -6.09 2.16
C GLY B 124 0.45 -5.19 3.35
N PRO B 125 1.60 -4.52 3.30
CA PRO B 125 1.99 -3.63 4.40
C PRO B 125 1.33 -2.27 4.30
N SER B 126 0.66 -1.84 5.38
CA SER B 126 0.26 -0.45 5.49
C SER B 126 1.47 0.34 5.99
N VAL B 127 1.96 1.32 5.24
CA VAL B 127 3.13 2.08 5.67
C VAL B 127 2.65 3.41 6.19
N PHE B 128 2.99 3.74 7.43
CA PHE B 128 2.65 5.03 8.01
C PHE B 128 3.88 5.88 8.26
N PRO B 129 3.73 7.20 8.32
CA PRO B 129 4.89 8.04 8.61
C PRO B 129 4.98 8.27 10.11
N LEU B 130 6.21 8.50 10.55
CA LEU B 130 6.52 8.89 11.92
C LEU B 130 7.17 10.26 11.77
N ALA B 131 6.37 11.32 11.98
CA ALA B 131 6.73 12.66 11.53
C ALA B 131 7.49 13.41 12.60
N PRO B 132 8.59 14.07 12.25
CA PRO B 132 9.35 14.86 13.22
C PRO B 132 8.67 16.19 13.55
N SER B 133 9.07 16.72 14.70
CA SER B 133 8.60 18.01 15.20
C SER B 133 9.71 18.56 16.09
N SER B 134 9.34 19.47 17.00
CA SER B 134 10.23 19.79 18.12
C SER B 134 10.11 18.76 19.25
N LYS B 135 9.27 17.73 19.08
CA LYS B 135 9.22 16.56 19.94
C LYS B 135 10.25 15.51 19.55
N SER B 136 11.06 15.79 18.53
CA SER B 136 12.24 14.99 18.21
C SER B 136 13.42 15.87 17.78
N THR B 137 13.60 17.06 18.39
CA THR B 137 14.77 17.93 18.15
C THR B 137 15.75 17.72 19.30
N SER B 138 16.83 16.96 19.05
CA SER B 138 17.81 16.58 20.06
C SER B 138 19.16 17.15 19.64
N GLY B 139 19.37 18.44 19.97
CA GLY B 139 20.57 19.17 19.60
C GLY B 139 20.60 19.67 18.17
N GLY B 140 19.45 20.07 17.62
CA GLY B 140 19.43 20.34 16.20
C GLY B 140 19.67 19.12 15.34
N THR B 141 19.35 17.92 15.86
CA THR B 141 19.35 16.66 15.11
C THR B 141 18.05 15.94 15.44
N ALA B 142 17.24 15.68 14.42
CA ALA B 142 15.88 15.18 14.56
C ALA B 142 15.78 13.78 14.01
N ALA B 143 14.73 13.07 14.42
CA ALA B 143 14.52 11.66 14.10
C ALA B 143 13.14 11.43 13.52
N LEU B 144 13.08 10.75 12.35
CA LEU B 144 11.85 10.50 11.59
C LEU B 144 11.85 9.10 10.96
N GLY B 145 10.64 8.53 10.77
CA GLY B 145 10.57 7.17 10.22
C GLY B 145 9.32 6.70 9.48
N CYS B 146 9.27 5.38 9.22
CA CYS B 146 8.09 4.70 8.70
C CYS B 146 7.73 3.56 9.66
N LEU B 147 6.45 3.44 10.01
CA LEU B 147 5.92 2.29 10.74
C LEU B 147 5.23 1.40 9.72
N VAL B 148 5.81 0.22 9.46
CA VAL B 148 5.29 -0.74 8.48
C VAL B 148 4.40 -1.72 9.23
N LYS B 149 3.08 -1.52 9.20
CA LYS B 149 2.21 -2.29 10.08
C LYS B 149 1.29 -3.22 9.29
N ASP B 150 0.98 -4.34 9.93
CA ASP B 150 -0.11 -5.25 9.54
C ASP B 150 0.11 -5.88 8.15
N TYR B 151 1.20 -6.66 8.05
CA TYR B 151 1.53 -7.46 6.89
C TYR B 151 1.86 -8.88 7.30
N PHE B 152 2.01 -9.74 6.29
CA PHE B 152 2.33 -11.16 6.41
C PHE B 152 2.67 -11.69 5.02
N PRO B 153 3.70 -12.53 4.89
CA PRO B 153 4.68 -12.93 5.90
C PRO B 153 6.03 -12.27 5.65
N GLU B 154 6.93 -12.28 6.63
CA GLU B 154 8.24 -11.63 6.55
C GLU B 154 8.96 -12.11 5.30
N PRO B 155 9.96 -11.38 4.82
CA PRO B 155 10.44 -10.09 5.28
C PRO B 155 9.93 -8.93 4.44
N VAL B 156 9.84 -7.74 5.03
CA VAL B 156 9.76 -6.48 4.29
C VAL B 156 11.06 -5.74 4.53
N THR B 157 11.65 -5.21 3.47
CA THR B 157 12.88 -4.45 3.60
C THR B 157 12.56 -2.97 3.38
N VAL B 158 12.98 -2.10 4.33
CA VAL B 158 12.70 -0.67 4.29
C VAL B 158 13.99 0.07 4.07
N SER B 159 14.02 0.97 3.09
CA SER B 159 15.20 1.75 2.76
C SER B 159 14.80 3.22 2.55
N TRP B 160 15.77 4.14 2.60
CA TRP B 160 15.43 5.56 2.59
C TRP B 160 16.01 6.26 1.37
N ASN B 161 15.15 7.11 0.76
CA ASN B 161 15.48 7.94 -0.41
C ASN B 161 16.10 7.12 -1.53
N SER B 162 15.61 5.89 -1.72
CA SER B 162 16.03 5.04 -2.82
C SER B 162 17.55 4.82 -2.87
N GLY B 163 18.20 4.91 -1.71
CA GLY B 163 19.57 4.48 -1.61
C GLY B 163 20.51 5.51 -1.07
N ALA B 164 20.13 6.77 -1.17
CA ALA B 164 21.03 7.86 -0.82
C ALA B 164 20.95 8.32 0.64
N LEU B 165 20.09 7.76 1.47
CA LEU B 165 20.16 8.05 2.91
C LEU B 165 20.40 6.73 3.62
N THR B 166 21.66 6.46 3.95
CA THR B 166 22.05 5.26 4.66
C THR B 166 22.59 5.54 6.05
N SER B 167 23.67 6.31 6.18
CA SER B 167 24.25 6.60 7.49
C SER B 167 23.17 7.14 8.42
N GLY B 168 23.17 6.64 9.65
CA GLY B 168 22.28 7.10 10.70
C GLY B 168 20.89 6.50 10.70
N VAL B 169 20.63 5.48 9.88
CA VAL B 169 19.34 4.79 9.84
C VAL B 169 19.34 3.59 10.78
N HIS B 170 18.18 3.24 11.33
CA HIS B 170 17.96 1.97 12.02
C HIS B 170 16.60 1.43 11.62
N THR B 171 16.56 0.29 10.93
CA THR B 171 15.31 -0.45 10.70
C THR B 171 15.24 -1.57 11.73
N PHE B 172 14.17 -1.56 12.59
CA PHE B 172 14.01 -2.45 13.73
C PHE B 172 13.42 -3.82 13.33
N PRO B 173 13.79 -4.89 14.04
CA PRO B 173 13.25 -6.22 13.71
C PRO B 173 11.77 -6.32 13.98
N ALA B 174 11.07 -7.00 13.06
CA ALA B 174 9.62 -7.09 13.14
C ALA B 174 9.20 -7.54 14.52
N VAL B 175 8.02 -7.11 14.94
CA VAL B 175 7.32 -7.81 16.00
C VAL B 175 6.13 -8.52 15.37
N LEU B 176 5.50 -9.39 16.13
CA LEU B 176 4.35 -10.14 15.65
C LEU B 176 3.20 -9.85 16.58
N GLN B 177 2.16 -9.22 16.06
CA GLN B 177 1.09 -8.77 16.91
C GLN B 177 0.11 -9.91 17.06
N SER B 178 -0.60 -9.90 18.19
CA SER B 178 -1.54 -10.98 18.52
C SER B 178 -2.39 -11.41 17.33
N SER B 179 -2.60 -10.50 16.38
CA SER B 179 -3.31 -10.77 15.12
C SER B 179 -2.70 -11.90 14.29
N GLY B 180 -1.38 -11.99 14.22
CA GLY B 180 -0.72 -12.75 13.17
C GLY B 180 -0.16 -11.90 12.05
N LEU B 181 -0.01 -10.59 12.27
CA LEU B 181 0.55 -9.64 11.32
C LEU B 181 1.73 -8.90 11.95
N TYR B 182 2.70 -8.55 11.09
CA TYR B 182 3.97 -8.00 11.55
C TYR B 182 3.93 -6.48 11.68
N SER B 183 4.64 -5.97 12.66
CA SER B 183 4.70 -4.54 12.97
C SER B 183 6.19 -4.21 13.05
N LEU B 184 6.81 -3.84 11.94
CA LEU B 184 8.16 -3.31 12.11
C LEU B 184 8.16 -1.79 11.98
N SER B 185 9.29 -1.18 12.33
CA SER B 185 9.52 0.25 12.25
C SER B 185 10.82 0.53 11.50
N SER B 186 11.06 1.77 11.11
CA SER B 186 12.34 2.15 10.53
C SER B 186 12.51 3.66 10.66
N VAL B 187 13.69 4.12 11.09
CA VAL B 187 13.91 5.52 11.44
C VAL B 187 15.30 5.96 11.01
N VAL B 188 15.48 7.28 10.90
CA VAL B 188 16.76 7.92 10.63
C VAL B 188 16.81 9.22 11.42
N THR B 189 17.99 9.59 11.93
CA THR B 189 18.24 10.94 12.41
C THR B 189 18.98 11.73 11.33
N VAL B 190 18.53 12.97 11.12
CA VAL B 190 19.11 13.95 10.21
C VAL B 190 19.23 15.25 10.98
N PRO B 191 19.86 16.29 10.44
CA PRO B 191 19.86 17.59 11.12
C PRO B 191 18.56 18.37 11.01
N SER B 192 18.23 19.10 12.10
CA SER B 192 16.97 19.85 12.17
C SER B 192 16.87 20.83 11.01
N SER B 193 17.99 21.48 10.66
CA SER B 193 17.97 22.50 9.61
C SER B 193 17.63 21.93 8.24
N SER B 194 17.89 20.64 7.99
CA SER B 194 17.50 20.04 6.72
C SER B 194 16.04 19.64 6.70
N LEU B 195 15.35 19.74 7.85
CA LEU B 195 13.97 19.30 7.95
C LEU B 195 13.02 20.14 7.10
N GLY B 196 13.43 21.30 6.64
CA GLY B 196 12.58 22.07 5.76
C GLY B 196 13.00 22.00 4.32
N THR B 197 14.27 21.69 4.07
CA THR B 197 14.81 21.67 2.71
C THR B 197 14.87 20.28 2.08
N GLN B 198 14.88 19.21 2.88
CA GLN B 198 15.11 17.85 2.39
C GLN B 198 13.86 17.00 2.48
N THR B 199 13.56 16.29 1.38
CA THR B 199 12.46 15.35 1.30
C THR B 199 12.94 13.97 1.75
N TYR B 200 12.11 13.29 2.55
CA TYR B 200 12.45 11.96 3.06
C TYR B 200 11.36 10.97 2.69
N ILE B 201 11.75 9.93 1.92
CA ILE B 201 10.85 8.90 1.41
C ILE B 201 11.43 7.51 1.69
N CYS B 202 10.63 6.65 2.32
CA CYS B 202 10.98 5.26 2.59
C CYS B 202 10.37 4.35 1.53
N ASN B 203 11.09 3.26 1.23
CA ASN B 203 10.77 2.28 0.21
C ASN B 203 10.65 0.93 0.89
N VAL B 204 9.41 0.42 0.98
CA VAL B 204 9.06 -0.83 1.66
C VAL B 204 8.81 -1.91 0.61
N ASN B 205 9.36 -3.11 0.81
CA ASN B 205 9.29 -4.21 -0.15
C ASN B 205 8.46 -5.30 0.48
N HIS B 206 7.30 -5.61 -0.04
CA HIS B 206 6.69 -6.83 0.48
C HIS B 206 6.53 -7.75 -0.70
N LYS B 207 7.61 -8.42 -1.08
CA LYS B 207 7.43 -9.30 -2.23
C LYS B 207 6.65 -10.59 -1.94
N PRO B 208 6.51 -11.01 -0.71
CA PRO B 208 5.45 -12.00 -0.43
C PRO B 208 4.03 -11.61 -0.90
N SER B 209 3.77 -10.33 -1.22
CA SER B 209 2.52 -9.91 -1.86
C SER B 209 2.77 -9.05 -3.10
N ASN B 210 3.97 -9.13 -3.69
CA ASN B 210 4.43 -8.30 -4.83
C ASN B 210 4.16 -6.80 -4.66
N THR B 211 4.01 -6.36 -3.42
CA THR B 211 3.70 -4.98 -3.14
C THR B 211 5.02 -4.25 -3.01
N LYS B 212 5.00 -3.00 -3.39
CA LYS B 212 6.11 -2.07 -3.19
C LYS B 212 5.43 -0.81 -2.69
N VAL B 213 6.03 -0.09 -1.74
CA VAL B 213 5.35 1.09 -1.19
C VAL B 213 6.38 2.20 -0.91
N ASP B 214 6.15 3.39 -1.47
CA ASP B 214 6.93 4.58 -1.17
C ASP B 214 6.11 5.54 -0.32
N LYS B 215 6.71 6.05 0.76
CA LYS B 215 6.03 7.01 1.62
C LYS B 215 6.91 8.22 1.88
N LYS B 216 6.33 9.41 1.78
CA LYS B 216 7.01 10.67 2.09
C LYS B 216 6.65 11.07 3.51
N VAL B 217 7.65 11.10 4.38
CA VAL B 217 7.43 11.61 5.71
C VAL B 217 7.80 13.07 5.70
N GLU B 218 6.84 13.92 6.03
CA GLU B 218 6.98 15.35 6.02
C GLU B 218 6.73 15.84 7.44
N PRO B 219 7.25 17.01 7.80
CA PRO B 219 7.00 17.54 9.14
C PRO B 219 5.51 17.77 9.43
N LYS B 220 5.19 17.68 10.71
CA LYS B 220 3.88 17.99 11.26
C LYS B 220 4.05 19.08 12.33
N SER B 221 3.01 19.87 12.59
CA SER B 221 3.08 20.97 13.56
C SER B 221 2.58 20.51 14.93
N CYS B 222 3.50 20.15 15.84
CA CYS B 222 3.18 19.61 17.17
C CYS B 222 3.45 20.60 18.30
N ASP B 223 3.48 21.89 18.00
CA ASP B 223 3.71 22.91 19.02
C ASP B 223 2.55 23.91 19.03
N LYS B 224 1.33 23.39 18.94
CA LYS B 224 0.16 24.25 18.87
C LYS B 224 -0.32 24.51 20.28
N ASP C 1 14.81 -35.80 32.69
CA ASP C 1 15.56 -35.37 31.50
C ASP C 1 16.67 -34.33 31.75
N ILE C 2 17.77 -34.53 31.01
CA ILE C 2 18.98 -33.74 31.12
C ILE C 2 18.73 -32.32 30.64
N GLN C 3 19.33 -31.35 31.32
CA GLN C 3 19.13 -29.94 31.03
C GLN C 3 20.45 -29.21 31.03
N MET C 4 20.77 -28.57 29.93
CA MET C 4 22.02 -27.85 29.78
C MET C 4 21.74 -26.38 30.03
N THR C 5 22.40 -25.80 31.05
CA THR C 5 22.30 -24.39 31.41
C THR C 5 23.65 -23.73 31.18
N GLN C 6 23.66 -22.67 30.38
CA GLN C 6 24.88 -21.91 30.15
C GLN C 6 24.92 -20.68 31.04
N SER C 7 26.13 -20.24 31.34
CA SER C 7 26.31 -18.96 32.01
C SER C 7 27.67 -18.38 31.60
N PRO C 8 27.78 -17.01 31.58
CA PRO C 8 26.72 -16.06 31.86
C PRO C 8 25.79 -16.12 30.68
N SER C 9 24.50 -15.83 30.81
CA SER C 9 23.60 -15.90 29.67
C SER C 9 24.17 -15.15 28.47
N SER C 10 24.80 -14.02 28.76
CA SER C 10 25.60 -13.28 27.81
C SER C 10 26.61 -12.42 28.58
N LEU C 11 27.77 -12.21 27.96
CA LEU C 11 28.81 -11.38 28.54
C LEU C 11 29.28 -10.38 27.48
N SER C 12 29.90 -9.29 27.93
CA SER C 12 30.44 -8.25 27.07
C SER C 12 31.93 -8.20 27.32
N ALA C 13 32.73 -8.38 26.27
CA ALA C 13 34.17 -8.43 26.44
C ALA C 13 34.82 -7.91 25.18
N SER C 14 36.14 -7.72 25.22
CA SER C 14 36.83 -7.00 24.16
C SER C 14 37.98 -7.80 23.56
N VAL C 15 38.49 -7.30 22.43
CA VAL C 15 39.57 -7.96 21.71
C VAL C 15 40.76 -8.18 22.65
N GLY C 16 41.46 -9.29 22.46
CA GLY C 16 42.59 -9.63 23.31
C GLY C 16 42.25 -10.29 24.63
N ASP C 17 40.97 -10.19 25.04
CA ASP C 17 40.52 -10.71 26.31
C ASP C 17 40.65 -12.24 26.34
N ARG C 18 40.43 -12.79 27.52
CA ARG C 18 40.21 -14.21 27.69
C ARG C 18 38.72 -14.43 27.94
N VAL C 19 38.16 -15.46 27.33
CA VAL C 19 36.73 -15.66 27.47
C VAL C 19 36.50 -17.10 27.90
N THR C 20 35.61 -17.27 28.89
CA THR C 20 35.32 -18.54 29.53
C THR C 20 33.80 -18.63 29.68
N ILE C 21 33.15 -19.50 28.87
CA ILE C 21 31.73 -19.81 29.07
C ILE C 21 31.61 -21.17 29.76
N THR C 22 30.64 -21.27 30.68
CA THR C 22 30.41 -22.50 31.42
C THR C 22 29.06 -23.09 31.06
N CYS C 23 29.08 -24.36 30.64
CA CYS C 23 27.88 -25.16 30.39
C CYS C 23 27.74 -26.17 31.52
N ARG C 24 26.52 -26.28 32.05
CA ARG C 24 26.30 -27.07 33.24
C ARG C 24 25.07 -27.95 33.06
N ALA C 25 25.20 -29.25 33.33
CA ALA C 25 24.12 -30.22 33.13
C ALA C 25 23.49 -30.68 34.44
N SER C 26 22.22 -31.11 34.36
CA SER C 26 21.49 -31.56 35.55
C SER C 26 21.65 -33.06 35.78
N GLN C 27 22.42 -33.75 34.94
CA GLN C 27 22.87 -35.12 35.15
C GLN C 27 24.24 -35.27 34.54
N GLY C 28 24.91 -36.36 34.91
CA GLY C 28 26.16 -36.66 34.23
C GLY C 28 25.92 -36.73 32.74
N VAL C 29 26.88 -36.25 31.97
CA VAL C 29 26.86 -36.45 30.53
C VAL C 29 28.28 -36.85 30.11
N GLY C 30 29.09 -37.30 31.06
CA GLY C 30 30.39 -37.85 30.73
C GLY C 30 31.27 -36.87 29.99
N THR C 31 31.80 -37.29 28.84
CA THR C 31 32.46 -36.37 27.93
C THR C 31 31.73 -36.22 26.60
N ASP C 32 30.47 -36.68 26.54
CA ASP C 32 29.66 -36.56 25.33
C ASP C 32 29.10 -35.14 25.29
N LEU C 33 29.96 -34.20 24.88
CA LEU C 33 29.55 -32.79 24.85
C LEU C 33 30.37 -31.99 23.83
N ALA C 34 29.72 -30.97 23.25
CA ALA C 34 30.20 -30.29 22.06
C ALA C 34 29.82 -28.83 22.13
N TRP C 35 30.61 -28.01 21.45
CA TRP C 35 30.52 -26.54 21.47
C TRP C 35 30.47 -26.02 20.05
N TYR C 36 29.54 -25.07 19.82
CA TYR C 36 29.23 -24.48 18.53
C TYR C 36 29.31 -22.95 18.52
N GLN C 37 29.79 -22.38 17.41
CA GLN C 37 29.87 -20.93 17.19
C GLN C 37 28.81 -20.58 16.16
N GLN C 38 27.90 -19.66 16.49
CA GLN C 38 26.87 -19.22 15.53
C GLN C 38 26.91 -17.71 15.34
N LYS C 39 27.45 -17.27 14.23
CA LYS C 39 27.31 -15.89 13.85
C LYS C 39 25.89 -15.70 13.31
N PRO C 40 25.39 -14.46 13.19
CA PRO C 40 23.93 -14.27 13.15
C PRO C 40 23.28 -14.76 11.85
N GLY C 41 22.14 -15.45 12.00
CA GLY C 41 21.40 -15.97 10.86
C GLY C 41 22.26 -16.81 9.94
N LYS C 42 23.24 -17.52 10.51
CA LYS C 42 24.11 -18.41 9.76
C LYS C 42 24.05 -19.81 10.35
N ALA C 43 24.62 -20.75 9.62
CA ALA C 43 24.71 -22.11 10.13
C ALA C 43 25.75 -22.15 11.25
N PRO C 44 25.42 -22.69 12.42
CA PRO C 44 26.42 -22.90 13.46
C PRO C 44 27.59 -23.73 12.95
N ASN C 45 28.73 -23.63 13.64
CA ASN C 45 29.89 -24.45 13.33
C ASN C 45 30.27 -25.27 14.54
N ARG C 46 30.77 -26.48 14.35
CA ARG C 46 31.24 -27.18 15.53
C ARG C 46 32.63 -26.68 15.85
N LEU C 47 32.80 -26.27 17.10
CA LEU C 47 34.09 -25.89 17.67
C LEU C 47 34.73 -27.03 18.41
N ILE C 48 33.98 -27.72 19.27
CA ILE C 48 34.56 -28.70 20.18
C ILE C 48 33.68 -29.93 20.26
N PHE C 49 34.31 -31.12 20.20
CA PHE C 49 33.70 -32.44 20.37
C PHE C 49 34.48 -33.24 21.40
N ALA C 50 33.85 -34.29 21.95
CA ALA C 50 34.42 -35.06 23.06
C ALA C 50 34.71 -34.20 24.28
N ALA C 51 34.13 -33.00 24.31
CA ALA C 51 34.27 -32.00 25.36
C ALA C 51 35.67 -31.39 25.39
N SER C 52 36.66 -32.01 24.74
CA SER C 52 38.01 -31.42 24.80
C SER C 52 38.70 -31.38 23.46
N ASN C 53 38.14 -31.99 22.44
CA ASN C 53 38.77 -32.09 21.14
C ASN C 53 38.48 -30.89 20.24
N LEU C 54 39.54 -30.31 19.71
CA LEU C 54 39.37 -29.16 18.85
C LEU C 54 38.81 -29.62 17.51
N GLN C 55 37.60 -29.17 17.16
CA GLN C 55 37.06 -29.47 15.83
C GLN C 55 38.11 -29.15 14.78
N SER C 56 38.35 -30.08 13.88
CA SER C 56 39.49 -29.89 13.02
C SER C 56 39.34 -28.62 12.22
N GLY C 57 40.31 -27.73 12.32
CA GLY C 57 40.32 -26.49 11.58
C GLY C 57 39.93 -25.24 12.35
N VAL C 58 39.31 -25.38 13.52
CA VAL C 58 38.95 -24.28 14.41
C VAL C 58 40.27 -23.80 15.01
N PRO C 59 40.44 -22.49 15.32
CA PRO C 59 41.75 -21.97 15.75
C PRO C 59 42.24 -22.54 17.07
N SER C 60 43.57 -22.56 17.24
CA SER C 60 44.13 -23.14 18.46
C SER C 60 43.77 -22.34 19.69
N ARG C 61 43.45 -21.06 19.55
CA ARG C 61 43.05 -20.26 20.68
C ARG C 61 41.73 -20.76 21.28
N PHE C 62 41.15 -21.82 20.74
CA PHE C 62 39.93 -22.37 21.34
C PHE C 62 40.29 -23.62 22.10
N SER C 63 39.58 -23.85 23.21
CA SER C 63 39.86 -25.08 23.97
C SER C 63 38.68 -25.45 24.87
N GLY C 64 38.42 -26.75 24.98
CA GLY C 64 37.33 -27.25 25.79
C GLY C 64 37.83 -28.11 26.94
N SER C 65 37.04 -28.13 28.01
CA SER C 65 37.40 -29.05 29.08
C SER C 65 36.23 -29.22 30.04
N GLY C 66 36.27 -30.32 30.80
CA GLY C 66 35.16 -30.72 31.62
C GLY C 66 34.79 -32.18 31.41
N SER C 67 33.73 -32.57 32.12
CA SER C 67 33.26 -33.94 32.31
C SER C 67 32.05 -33.89 33.23
N GLY C 68 31.38 -35.00 33.39
CA GLY C 68 30.32 -35.05 34.39
C GLY C 68 29.22 -34.03 34.18
N THR C 69 29.16 -32.99 35.03
CA THR C 69 28.22 -31.87 34.83
C THR C 69 28.86 -30.48 34.61
N GLU C 70 30.18 -30.33 34.55
CA GLU C 70 30.76 -29.02 34.23
C GLU C 70 31.64 -29.03 32.99
N PHE C 71 31.41 -28.03 32.16
CA PHE C 71 32.22 -27.84 30.98
C PHE C 71 32.49 -26.37 30.83
N THR C 72 33.69 -26.08 30.35
CA THR C 72 34.21 -24.75 30.18
C THR C 72 34.84 -24.67 28.81
N LEU C 73 34.31 -23.75 27.98
CA LEU C 73 34.95 -23.36 26.72
C LEU C 73 35.74 -22.09 26.99
N THR C 74 36.93 -22.02 26.39
CA THR C 74 37.96 -21.03 26.71
C THR C 74 38.63 -20.57 25.43
N ILE C 75 38.45 -19.30 25.10
CA ILE C 75 39.23 -18.64 24.07
C ILE C 75 40.33 -17.90 24.81
N SER C 76 41.59 -18.21 24.49
CA SER C 76 42.65 -17.51 25.18
C SER C 76 42.68 -16.05 24.78
N SER C 77 42.56 -15.73 23.48
CA SER C 77 42.71 -14.35 23.02
C SER C 77 41.65 -13.89 22.02
N LEU C 78 40.49 -13.44 22.50
CA LEU C 78 39.37 -13.11 21.61
C LEU C 78 39.85 -12.32 20.40
N GLN C 79 39.68 -12.85 19.25
CA GLN C 79 40.02 -12.11 18.04
C GLN C 79 38.74 -11.59 17.42
N PRO C 80 38.81 -10.53 16.61
CA PRO C 80 37.61 -9.73 16.34
C PRO C 80 36.42 -10.54 15.86
N GLU C 81 36.64 -11.62 15.09
CA GLU C 81 35.56 -12.47 14.54
C GLU C 81 34.88 -13.35 15.59
N ASP C 82 35.54 -13.61 16.72
CA ASP C 82 35.05 -14.53 17.74
C ASP C 82 33.77 -14.08 18.41
N PHE C 83 33.29 -12.91 18.05
CA PHE C 83 32.00 -12.46 18.55
C PHE C 83 30.92 -13.28 17.85
N ALA C 84 30.02 -13.89 18.62
CA ALA C 84 28.99 -14.78 18.08
C ALA C 84 28.06 -15.20 19.21
N THR C 85 27.07 -16.05 18.96
CA THR C 85 26.46 -16.72 20.08
C THR C 85 27.12 -18.10 20.15
N TYR C 86 27.29 -18.62 21.36
CA TYR C 86 28.02 -19.87 21.57
C TYR C 86 27.14 -20.87 22.30
N TYR C 87 27.10 -22.11 21.79
CA TYR C 87 26.20 -23.13 22.30
C TYR C 87 26.92 -24.42 22.69
N CYS C 88 26.50 -25.02 23.80
CA CYS C 88 26.88 -26.38 24.16
C CYS C 88 25.73 -27.36 23.89
N LEU C 89 26.12 -28.60 23.59
CA LEU C 89 25.22 -29.69 23.24
C LEU C 89 25.70 -30.93 23.94
N HIS C 90 24.78 -31.67 24.59
CA HIS C 90 25.14 -32.92 25.27
C HIS C 90 24.62 -34.11 24.45
N HIS C 91 25.50 -35.01 24.04
CA HIS C 91 24.94 -36.11 23.29
C HIS C 91 25.12 -37.44 24.00
N ASN C 92 25.11 -37.41 25.33
CA ASN C 92 25.28 -38.61 26.16
C ASN C 92 24.05 -39.54 26.17
N SER C 93 22.89 -39.04 25.78
CA SER C 93 21.68 -39.83 25.82
C SER C 93 20.64 -39.23 24.87
N PHE C 94 19.66 -40.06 24.45
CA PHE C 94 18.56 -39.45 23.69
C PHE C 94 17.41 -39.04 24.63
N PRO C 95 16.77 -37.88 24.42
CA PRO C 95 17.01 -36.86 23.37
C PRO C 95 18.27 -36.02 23.59
N LEU C 96 19.02 -35.61 22.56
CA LEU C 96 20.08 -34.63 22.78
C LEU C 96 19.50 -33.29 23.18
N ALA C 97 20.38 -32.38 23.57
CA ALA C 97 19.96 -31.07 24.05
C ALA C 97 21.13 -30.10 23.97
N PHE C 98 20.80 -28.86 23.61
CA PHE C 98 21.66 -27.70 23.58
C PHE C 98 21.54 -26.91 24.87
N GLY C 99 22.53 -26.06 25.09
CA GLY C 99 22.43 -25.07 26.14
C GLY C 99 21.70 -23.83 25.65
N GLY C 100 21.49 -22.90 26.58
CA GLY C 100 20.87 -21.64 26.19
C GLY C 100 21.71 -20.89 25.20
N GLY C 101 23.01 -20.89 25.38
CA GLY C 101 23.86 -20.09 24.54
C GLY C 101 24.41 -18.93 25.34
N THR C 102 25.58 -18.47 24.94
CA THR C 102 26.15 -17.23 25.46
C THR C 102 26.52 -16.33 24.29
N LYS C 103 25.87 -15.18 24.22
CA LYS C 103 26.19 -14.17 23.24
C LYS C 103 27.40 -13.41 23.74
N VAL C 104 28.40 -13.24 22.88
CA VAL C 104 29.60 -12.52 23.23
C VAL C 104 29.57 -11.21 22.43
N GLU C 105 29.17 -10.11 23.06
CA GLU C 105 29.02 -8.83 22.37
C GLU C 105 30.25 -7.97 22.62
N ILE C 106 30.30 -6.83 21.94
CA ILE C 106 31.42 -5.90 22.06
C ILE C 106 31.21 -5.05 23.29
N LYS C 107 32.26 -4.85 24.07
CA LYS C 107 32.17 -3.92 25.17
C LYS C 107 32.83 -2.62 24.74
N ARG C 108 32.09 -1.53 24.93
CA ARG C 108 32.49 -0.16 24.67
C ARG C 108 32.05 0.69 25.86
N THR C 109 32.32 1.99 25.82
CA THR C 109 32.04 2.89 26.94
C THR C 109 30.53 3.10 27.12
N VAL C 110 30.14 3.65 28.28
CA VAL C 110 28.72 3.78 28.60
C VAL C 110 28.12 4.91 27.77
N ALA C 111 26.99 4.66 27.10
CA ALA C 111 26.36 5.71 26.30
C ALA C 111 24.85 5.68 26.49
N ALA C 112 24.25 6.86 26.69
CA ALA C 112 22.84 7.08 26.96
C ALA C 112 22.04 7.16 25.67
N PRO C 113 20.78 6.75 25.68
CA PRO C 113 19.97 6.85 24.47
C PRO C 113 19.46 8.25 24.21
N SER C 114 19.45 8.66 22.94
CA SER C 114 18.51 9.71 22.54
C SER C 114 17.12 9.10 22.60
N VAL C 115 16.12 9.84 23.09
CA VAL C 115 14.77 9.30 23.09
C VAL C 115 13.86 10.25 22.31
N PHE C 116 13.12 9.71 21.34
CA PHE C 116 12.19 10.46 20.52
C PHE C 116 10.83 9.77 20.60
N ILE C 117 9.75 10.53 20.49
CA ILE C 117 8.41 9.93 20.52
C ILE C 117 7.64 10.43 19.32
N PHE C 118 6.95 9.51 18.66
CA PHE C 118 6.18 9.75 17.44
C PHE C 118 4.74 9.37 17.73
N PRO C 119 3.82 10.32 17.72
CA PRO C 119 2.42 10.01 17.95
C PRO C 119 1.85 9.28 16.74
N PRO C 120 0.70 8.64 16.87
CA PRO C 120 0.17 7.89 15.74
C PRO C 120 -0.17 8.84 14.61
N SER C 121 0.10 8.38 13.40
CA SER C 121 -0.17 9.23 12.27
C SER C 121 -1.68 9.41 12.10
N ASP C 122 -2.05 10.50 11.42
CA ASP C 122 -3.45 10.79 11.16
C ASP C 122 -4.07 9.72 10.27
N GLU C 123 -3.37 9.38 9.18
CA GLU C 123 -3.86 8.34 8.27
C GLU C 123 -4.12 7.02 9.01
N GLN C 124 -3.42 6.78 10.14
CA GLN C 124 -3.53 5.57 10.93
C GLN C 124 -4.66 5.65 11.94
N LEU C 125 -4.72 6.73 12.73
CA LEU C 125 -5.89 7.00 13.56
C LEU C 125 -7.18 6.77 12.78
N LYS C 126 -7.23 7.29 11.56
CA LYS C 126 -8.48 7.33 10.82
C LYS C 126 -9.03 5.93 10.54
N SER C 127 -8.16 4.93 10.43
CA SER C 127 -8.61 3.56 10.17
C SER C 127 -9.06 2.81 11.43
N GLY C 128 -8.68 3.27 12.63
CA GLY C 128 -9.23 2.73 13.86
C GLY C 128 -8.27 2.27 14.95
N THR C 129 -6.97 2.49 14.79
CA THR C 129 -6.00 2.08 15.79
C THR C 129 -4.79 3.00 15.73
N ALA C 130 -4.19 3.26 16.90
CA ALA C 130 -3.12 4.22 17.07
C ALA C 130 -1.87 3.50 17.57
N SER C 131 -0.77 3.61 16.82
CA SER C 131 0.53 3.10 17.24
C SER C 131 1.42 4.27 17.64
N VAL C 132 1.58 4.44 18.96
CA VAL C 132 2.55 5.37 19.51
C VAL C 132 3.92 4.72 19.49
N VAL C 133 4.96 5.43 19.06
CA VAL C 133 6.28 4.83 18.97
C VAL C 133 7.25 5.60 19.85
N CYS C 134 7.98 4.87 20.69
CA CYS C 134 9.13 5.42 21.42
C CYS C 134 10.40 4.86 20.79
N LEU C 135 11.38 5.73 20.55
CA LEU C 135 12.71 5.34 20.08
C LEU C 135 13.77 5.69 21.11
N LEU C 136 14.56 4.70 21.53
CA LEU C 136 15.81 4.93 22.24
C LEU C 136 16.89 4.63 21.22
N ASN C 137 17.82 5.56 21.02
CA ASN C 137 18.66 5.57 19.84
C ASN C 137 20.12 5.65 20.25
N ASN C 138 20.93 4.76 19.66
CA ASN C 138 22.38 4.84 19.77
C ASN C 138 22.82 4.92 21.23
N PHE C 139 22.63 3.78 21.92
CA PHE C 139 22.95 3.61 23.32
C PHE C 139 23.65 2.27 23.53
N TYR C 140 24.36 2.18 24.67
CA TYR C 140 25.10 1.00 25.17
C TYR C 140 25.10 1.09 26.69
N PRO C 141 24.93 -0.02 27.42
CA PRO C 141 24.75 -1.41 27.00
C PRO C 141 23.31 -1.76 26.61
N ARG C 142 23.08 -2.96 26.06
CA ARG C 142 21.82 -3.27 25.39
C ARG C 142 20.62 -3.17 26.31
N GLU C 143 20.83 -3.14 27.62
CA GLU C 143 19.73 -3.26 28.58
C GLU C 143 19.04 -1.91 28.81
N ALA C 144 17.71 -1.88 28.69
CA ALA C 144 16.99 -0.64 28.91
C ALA C 144 15.54 -0.92 29.28
N LYS C 145 14.98 -0.11 30.19
CA LYS C 145 13.60 -0.27 30.66
C LYS C 145 12.71 0.82 30.10
N VAL C 146 11.70 0.44 29.32
CA VAL C 146 10.84 1.36 28.60
C VAL C 146 9.40 1.17 29.08
N GLN C 147 8.88 2.10 29.87
CA GLN C 147 7.48 1.99 30.29
C GLN C 147 6.63 3.12 29.74
N TRP C 148 5.43 2.76 29.28
CA TRP C 148 4.47 3.73 28.73
C TRP C 148 3.50 4.18 29.82
N LYS C 149 3.35 5.49 29.97
CA LYS C 149 2.36 6.07 30.87
C LYS C 149 1.36 6.92 30.09
N VAL C 150 0.08 6.68 30.36
CA VAL C 150 -1.05 7.39 29.76
C VAL C 150 -1.68 8.21 30.88
N ASP C 151 -1.41 9.52 30.87
CA ASP C 151 -1.85 10.42 31.93
C ASP C 151 -1.37 9.92 33.30
N ASN C 152 -0.05 9.70 33.40
CA ASN C 152 0.64 9.22 34.62
C ASN C 152 0.08 7.92 35.18
N ALA C 153 -0.56 7.11 34.35
CA ALA C 153 -1.00 5.76 34.71
C ALA C 153 -0.19 4.75 33.93
N LEU C 154 0.57 3.91 34.63
CA LEU C 154 1.43 2.94 33.96
C LEU C 154 0.60 1.92 33.19
N GLN C 155 1.01 1.64 31.96
CA GLN C 155 0.36 0.61 31.17
C GLN C 155 1.12 -0.71 31.37
N SER C 156 0.49 -1.83 30.98
CA SER C 156 1.06 -3.15 31.30
C SER C 156 0.47 -4.16 30.33
N GLY C 157 1.32 -4.72 29.47
CA GLY C 157 0.93 -5.73 28.51
C GLY C 157 0.68 -5.21 27.10
N ASN C 158 0.34 -3.93 26.94
CA ASN C 158 -0.01 -3.39 25.63
C ASN C 158 1.20 -2.90 24.85
N SER C 159 2.40 -3.29 25.24
CA SER C 159 3.59 -2.85 24.53
C SER C 159 4.16 -4.04 23.76
N GLN C 160 4.90 -3.72 22.72
CA GLN C 160 5.91 -4.61 22.16
C GLN C 160 7.18 -3.79 22.03
N GLU C 161 8.33 -4.43 22.17
CA GLU C 161 9.62 -3.79 21.97
C GLU C 161 10.41 -4.55 20.92
N SER C 162 11.52 -3.98 20.48
CA SER C 162 12.37 -4.63 19.50
C SER C 162 13.69 -3.87 19.47
N VAL C 163 14.80 -4.58 19.34
CA VAL C 163 16.12 -3.96 19.43
C VAL C 163 16.94 -4.30 18.20
N THR C 164 17.69 -3.32 17.70
CA THR C 164 18.57 -3.61 16.59
C THR C 164 19.82 -4.32 17.09
N GLU C 165 20.50 -4.99 16.18
CA GLU C 165 21.78 -5.58 16.50
C GLU C 165 22.86 -4.52 16.74
N GLN C 166 23.90 -4.93 17.47
CA GLN C 166 24.98 -4.02 17.81
C GLN C 166 25.57 -3.47 16.50
N ASP C 167 25.33 -2.17 16.28
CA ASP C 167 25.69 -1.43 15.07
C ASP C 167 27.17 -1.60 14.70
N SER C 168 27.44 -1.53 13.40
CA SER C 168 28.74 -1.91 12.86
C SER C 168 29.79 -0.83 13.01
N LYS C 169 29.39 0.35 13.51
CA LYS C 169 30.18 1.58 13.43
C LYS C 169 30.40 2.23 14.79
N ASP C 170 29.49 2.03 15.76
CA ASP C 170 29.65 2.56 17.12
C ASP C 170 29.47 1.55 18.25
N SER C 171 28.94 0.34 17.97
CA SER C 171 28.70 -0.70 18.97
C SER C 171 27.57 -0.31 19.92
N THR C 172 26.56 0.40 19.44
CA THR C 172 25.43 0.81 20.24
C THR C 172 24.14 0.25 19.68
N TYR C 173 23.18 0.01 20.56
CA TYR C 173 21.91 -0.56 20.15
C TYR C 173 20.90 0.56 19.87
N SER C 174 19.65 0.16 19.65
CA SER C 174 18.53 1.08 19.53
C SER C 174 17.28 0.24 19.78
N LEU C 175 16.47 0.66 20.72
CA LEU C 175 15.24 -0.04 21.04
C LEU C 175 14.09 0.78 20.46
N SER C 176 13.09 0.12 19.89
CA SER C 176 11.85 0.75 19.47
C SER C 176 10.73 0.05 20.19
N SER C 177 9.86 0.82 20.82
CA SER C 177 8.70 0.28 21.51
C SER C 177 7.46 0.76 20.75
N THR C 178 6.64 -0.18 20.31
CA THR C 178 5.40 0.10 19.59
C THR C 178 4.27 -0.15 20.60
N LEU C 179 3.57 0.93 20.95
CA LEU C 179 2.42 0.88 21.84
C LEU C 179 1.14 0.95 21.00
N THR C 180 0.45 -0.19 20.85
CA THR C 180 -0.73 -0.29 20.01
C THR C 180 -1.96 -0.13 20.90
N LEU C 181 -2.81 0.86 20.59
CA LEU C 181 -4.07 1.09 21.29
C LEU C 181 -5.21 1.29 20.32
N SER C 182 -6.42 1.00 20.80
CA SER C 182 -7.61 1.29 20.03
C SER C 182 -7.69 2.79 19.79
N LYS C 183 -8.22 3.18 18.63
CA LYS C 183 -8.45 4.59 18.37
C LYS C 183 -9.34 5.21 19.45
N ALA C 184 -10.29 4.43 19.98
CA ALA C 184 -11.17 4.97 21.02
C ALA C 184 -10.42 5.17 22.33
N ASP C 185 -9.51 4.24 22.68
CA ASP C 185 -8.69 4.47 23.87
C ASP C 185 -7.62 5.52 23.62
N TYR C 186 -7.07 5.61 22.42
CA TYR C 186 -6.06 6.63 22.18
C TYR C 186 -6.64 8.02 22.39
N GLU C 187 -7.85 8.28 21.88
CA GLU C 187 -8.42 9.63 21.91
C GLU C 187 -8.95 10.03 23.28
N LYS C 188 -9.12 9.06 24.19
CA LYS C 188 -9.57 9.26 25.57
C LYS C 188 -8.56 9.96 26.46
N HIS C 189 -7.38 10.33 25.95
CA HIS C 189 -6.30 10.81 26.80
C HIS C 189 -5.47 11.85 26.05
N LYS C 190 -4.75 12.69 26.80
CA LYS C 190 -3.99 13.81 26.23
C LYS C 190 -2.48 13.62 26.24
N VAL C 191 -1.89 13.27 27.39
CA VAL C 191 -0.43 13.25 27.55
C VAL C 191 0.07 11.82 27.53
N TYR C 192 0.83 11.49 26.48
CA TYR C 192 1.41 10.16 26.32
C TYR C 192 2.91 10.28 26.50
N ALA C 193 3.48 9.39 27.31
CA ALA C 193 4.92 9.48 27.56
C ALA C 193 5.54 8.09 27.56
N CYS C 194 6.73 7.99 26.98
CA CYS C 194 7.57 6.82 27.23
C CYS C 194 8.68 7.25 28.18
N GLU C 195 8.94 6.41 29.19
CA GLU C 195 9.88 6.72 30.24
C GLU C 195 10.98 5.68 30.16
N VAL C 196 12.22 6.17 30.03
CA VAL C 196 13.39 5.37 29.73
C VAL C 196 14.29 5.33 30.96
N THR C 197 14.71 4.12 31.32
CA THR C 197 15.67 3.85 32.38
C THR C 197 16.90 3.22 31.74
N HIS C 198 18.07 3.86 31.92
CA HIS C 198 19.32 3.39 31.33
C HIS C 198 20.51 3.68 32.25
N GLN C 199 21.57 2.88 32.07
CA GLN C 199 22.79 3.05 32.85
C GLN C 199 23.44 4.40 32.60
N GLY C 200 23.35 4.91 31.38
CA GLY C 200 23.83 6.21 30.95
C GLY C 200 22.98 7.41 31.33
N LEU C 201 21.87 7.21 32.04
CA LEU C 201 21.00 8.30 32.50
C LEU C 201 20.90 8.28 34.02
N SER C 202 21.16 9.44 34.66
CA SER C 202 21.23 9.48 36.13
C SER C 202 19.88 9.28 36.79
N SER C 203 18.80 9.78 36.18
CA SER C 203 17.44 9.44 36.54
C SER C 203 16.64 9.30 35.26
N PRO C 204 15.54 8.53 35.28
CA PRO C 204 14.83 8.20 34.04
C PRO C 204 14.34 9.44 33.29
N VAL C 205 14.38 9.35 31.95
CA VAL C 205 14.02 10.46 31.06
C VAL C 205 12.64 10.20 30.46
N THR C 206 11.78 11.22 30.45
CA THR C 206 10.42 11.15 29.92
C THR C 206 10.30 11.94 28.62
N LYS C 207 9.75 11.31 27.56
CA LYS C 207 9.41 12.00 26.30
C LYS C 207 7.91 11.86 26.06
N SER C 208 7.22 12.98 25.94
CA SER C 208 5.77 12.99 25.93
C SER C 208 5.27 13.94 24.85
N PHE C 209 4.00 13.76 24.51
CA PHE C 209 3.31 14.69 23.62
C PHE C 209 1.88 14.84 24.09
N ASN C 210 1.30 15.99 23.74
CA ASN C 210 -0.07 16.33 24.08
C ASN C 210 -0.89 16.22 22.80
N ARG C 211 -1.90 15.33 22.81
CA ARG C 211 -2.47 14.81 21.57
C ARG C 211 -3.07 15.90 20.69
N GLY C 212 -3.77 16.86 21.30
CA GLY C 212 -4.45 17.88 20.51
C GLY C 212 -3.48 18.76 19.77
N GLU C 213 -2.27 18.93 20.30
CA GLU C 213 -1.29 19.81 19.69
C GLU C 213 -0.69 19.19 18.43
N CYS C 214 -0.96 17.90 18.20
CA CYS C 214 -0.47 17.17 17.04
C CYS C 214 -1.63 16.78 16.12
N LEU D 65 -62.93 55.01 -2.40
CA LEU D 65 -61.54 55.04 -1.91
C LEU D 65 -60.64 56.04 -2.61
N LYS D 66 -59.57 56.43 -1.90
CA LYS D 66 -58.62 57.46 -2.32
C LYS D 66 -57.21 57.07 -1.89
N CYS D 67 -56.21 57.67 -2.56
CA CYS D 67 -54.79 57.38 -2.33
C CYS D 67 -54.12 58.36 -1.35
N LYS D 68 -53.38 57.81 -0.36
CA LYS D 68 -52.56 58.59 0.58
C LYS D 68 -51.12 58.77 0.07
N LYS D 69 -50.77 59.97 -0.42
CA LYS D 69 -49.50 60.21 -1.12
C LYS D 69 -48.37 60.61 -0.16
N SER D 70 -47.31 59.80 -0.10
CA SER D 70 -46.06 60.11 0.60
C SER D 70 -45.11 60.91 -0.30
N SER D 71 -43.82 60.89 0.05
CA SER D 71 -42.77 61.56 -0.71
C SER D 71 -42.72 61.00 -2.13
N SER D 72 -43.03 61.85 -3.12
CA SER D 72 -43.23 61.39 -4.49
C SER D 72 -42.10 61.83 -5.41
N TYR D 73 -41.89 61.07 -6.48
CA TYR D 73 -40.76 61.25 -7.40
C TYR D 73 -41.27 61.26 -8.85
N PHE D 74 -40.38 61.52 -9.81
CA PHE D 74 -40.74 61.50 -11.23
C PHE D 74 -40.03 60.38 -11.96
N VAL D 75 -40.73 59.85 -12.95
CA VAL D 75 -40.21 58.78 -13.76
C VAL D 75 -40.02 59.35 -15.21
N PRO D 76 -38.87 59.14 -15.81
CA PRO D 76 -38.70 59.57 -17.20
C PRO D 76 -39.10 58.45 -18.14
N ASP D 77 -39.43 58.85 -19.37
CA ASP D 77 -39.69 57.90 -20.46
C ASP D 77 -38.39 57.42 -21.08
N ALA D 78 -37.79 56.38 -20.51
CA ALA D 78 -36.43 55.98 -20.85
C ALA D 78 -36.37 55.08 -22.10
N ARG D 79 -35.49 55.44 -23.03
CA ARG D 79 -35.08 54.60 -24.15
C ARG D 79 -33.61 54.29 -23.97
N SER D 80 -33.21 53.03 -24.09
CA SER D 80 -31.84 52.66 -23.75
C SER D 80 -30.99 52.69 -25.00
N ARG D 81 -29.90 53.45 -24.97
CA ARG D 81 -28.96 53.44 -26.08
C ARG D 81 -27.66 52.84 -25.55
N CYS D 82 -26.71 52.57 -26.45
CA CYS D 82 -25.32 52.33 -26.09
C CYS D 82 -24.45 52.41 -27.34
N THR D 83 -23.13 52.51 -27.12
CA THR D 83 -22.16 52.70 -28.20
C THR D 83 -20.80 52.16 -27.80
N SER D 84 -19.96 51.98 -28.81
CA SER D 84 -18.58 51.56 -28.59
C SER D 84 -17.70 52.13 -29.68
N VAL D 85 -16.46 52.45 -29.32
CA VAL D 85 -15.41 52.77 -30.28
C VAL D 85 -14.25 51.83 -30.00
N ARG D 86 -13.66 51.29 -31.06
CA ARG D 86 -12.51 50.43 -30.89
C ARG D 86 -11.28 51.21 -31.34
N ARG D 87 -10.39 51.48 -30.41
CA ARG D 87 -9.08 52.02 -30.74
C ARG D 87 -8.09 50.90 -30.59
N CYS D 88 -7.14 50.85 -31.51
CA CYS D 88 -6.11 49.85 -31.37
C CYS D 88 -5.18 50.25 -30.22
N ARG D 89 -4.24 49.35 -29.95
CA ARG D 89 -3.30 49.53 -28.86
C ARG D 89 -2.65 50.91 -28.86
N TRP D 90 -2.34 51.44 -30.02
CA TRP D 90 -1.56 52.68 -30.10
C TRP D 90 -2.34 53.97 -29.90
N ALA D 91 -3.65 53.96 -29.71
CA ALA D 91 -4.31 55.26 -29.62
C ALA D 91 -4.12 55.83 -28.22
N GLY D 92 -2.88 55.76 -27.74
CA GLY D 92 -2.47 56.24 -26.43
C GLY D 92 -2.95 55.44 -25.24
N ASP D 93 -4.27 55.44 -25.07
CA ASP D 93 -4.90 54.79 -23.94
C ASP D 93 -4.48 53.34 -23.84
N CYS D 94 -4.25 52.70 -24.98
CA CYS D 94 -4.36 51.26 -25.05
C CYS D 94 -3.00 50.61 -24.85
N GLN D 95 -2.99 49.61 -23.99
CA GLN D 95 -1.80 49.02 -23.41
C GLN D 95 -2.04 47.52 -23.31
N SER D 96 -1.49 46.85 -22.31
CA SER D 96 -1.81 45.43 -22.09
C SER D 96 -3.23 45.24 -21.56
N GLY D 97 -4.19 45.81 -22.29
CA GLY D 97 -5.58 45.88 -21.90
C GLY D 97 -6.04 47.33 -21.84
N CYS D 98 -6.92 47.56 -21.03
CA CYS D 98 -7.47 48.90 -20.89
C CYS D 98 -6.75 49.69 -19.80
N PRO D 99 -6.59 50.99 -19.97
CA PRO D 99 -6.05 51.85 -18.88
C PRO D 99 -6.90 51.72 -17.62
N PRO D 100 -6.27 51.66 -16.43
CA PRO D 100 -7.07 51.60 -15.19
C PRO D 100 -7.81 52.88 -14.87
N HIS D 101 -7.42 54.02 -15.48
CA HIS D 101 -8.06 55.30 -15.20
C HIS D 101 -9.35 55.51 -15.98
N PHE D 102 -9.87 54.48 -16.63
CA PHE D 102 -11.19 54.50 -17.24
C PHE D 102 -12.13 53.83 -16.27
N THR D 103 -13.29 54.45 -16.05
CA THR D 103 -14.21 53.97 -15.03
C THR D 103 -15.63 54.05 -15.53
N SER D 104 -16.55 53.57 -14.70
CA SER D 104 -17.97 53.50 -15.02
C SER D 104 -18.59 54.89 -15.14
N ASN D 105 -17.77 55.94 -15.12
CA ASN D 105 -18.21 57.31 -15.44
C ASN D 105 -17.24 58.04 -16.34
N SER D 106 -16.33 57.29 -16.96
CA SER D 106 -15.39 57.81 -17.93
C SER D 106 -16.07 58.00 -19.27
N PHE D 107 -15.57 58.95 -20.04
CA PHE D 107 -16.04 59.20 -21.39
C PHE D 107 -14.86 59.14 -22.34
N SER D 108 -15.16 58.83 -23.61
CA SER D 108 -14.21 58.94 -24.71
C SER D 108 -14.67 60.02 -25.67
N ASP D 109 -13.72 60.81 -26.17
CA ASP D 109 -14.01 61.85 -27.16
C ASP D 109 -14.45 61.30 -28.51
N ASP D 110 -14.36 59.97 -28.71
CA ASP D 110 -14.59 59.30 -29.99
C ASP D 110 -16.00 58.78 -30.22
N TRP D 111 -16.77 58.48 -29.17
CA TRP D 111 -18.05 57.80 -29.37
C TRP D 111 -19.17 58.62 -30.00
N ALA D 112 -18.98 59.22 -31.16
CA ALA D 112 -20.04 59.97 -31.84
C ALA D 112 -20.64 61.03 -30.89
N GLY D 113 -19.83 62.06 -30.64
CA GLY D 113 -20.00 62.88 -29.45
C GLY D 113 -21.24 63.74 -29.28
N LYS D 114 -22.36 63.45 -30.01
CA LYS D 114 -23.62 64.14 -29.70
C LYS D 114 -24.18 63.76 -28.35
N MET D 115 -23.53 62.81 -27.66
CA MET D 115 -24.07 62.16 -26.47
C MET D 115 -23.67 62.96 -25.23
N ASP D 116 -24.61 63.05 -24.29
CA ASP D 116 -24.56 64.05 -23.22
C ASP D 116 -23.61 63.63 -22.11
N ARG D 117 -22.48 64.34 -22.00
CA ARG D 117 -21.50 64.00 -21.00
C ARG D 117 -22.02 64.35 -19.59
N ALA D 118 -23.17 65.02 -19.50
CA ALA D 118 -23.83 65.35 -18.24
C ALA D 118 -25.01 64.43 -17.94
N GLY D 119 -25.05 63.26 -18.57
CA GLY D 119 -26.18 62.36 -18.48
C GLY D 119 -25.94 61.10 -17.63
N LEU D 120 -27.05 60.37 -17.40
CA LEU D 120 -27.10 59.17 -16.56
C LEU D 120 -26.67 57.93 -17.34
N GLY D 121 -25.63 57.23 -16.89
CA GLY D 121 -25.15 56.10 -17.68
C GLY D 121 -23.80 55.59 -17.23
N PHE D 122 -23.43 54.45 -17.80
CA PHE D 122 -22.36 53.58 -17.31
C PHE D 122 -21.37 53.28 -18.43
N SER D 123 -20.07 53.20 -18.14
CA SER D 123 -19.10 52.92 -19.20
C SER D 123 -18.14 51.81 -18.81
N GLY D 124 -17.24 51.49 -19.73
CA GLY D 124 -16.28 50.41 -19.50
C GLY D 124 -15.44 50.13 -20.74
N CYS D 125 -14.49 49.21 -20.59
CA CYS D 125 -13.54 48.96 -21.67
C CYS D 125 -13.18 47.47 -21.65
N SER D 126 -12.71 46.94 -22.80
CA SER D 126 -12.20 45.57 -22.82
C SER D 126 -11.14 45.34 -23.90
N ASP D 127 -10.37 44.27 -23.71
CA ASP D 127 -9.56 43.78 -24.82
C ASP D 127 -10.46 43.24 -25.90
N GLY D 128 -10.02 43.47 -27.13
CA GLY D 128 -10.59 42.80 -28.28
C GLY D 128 -9.58 41.82 -28.84
N CYS D 129 -9.93 41.31 -30.01
CA CYS D 129 -8.96 40.60 -30.81
C CYS D 129 -7.74 41.46 -31.09
N GLY D 130 -6.57 40.82 -31.04
CA GLY D 130 -5.38 41.32 -31.70
C GLY D 130 -5.01 40.33 -32.81
N GLY D 131 -4.78 40.88 -34.00
CA GLY D 131 -4.52 40.05 -35.18
C GLY D 131 -4.31 40.91 -36.40
N ALA D 132 -3.70 40.30 -37.43
CA ALA D 132 -3.58 40.90 -38.75
C ALA D 132 -4.90 40.87 -39.52
N ALA D 133 -5.94 40.24 -38.97
CA ALA D 133 -7.30 40.27 -39.48
C ALA D 133 -8.23 41.01 -38.53
N CYS D 134 -7.68 41.74 -37.54
CA CYS D 134 -8.42 42.33 -36.44
C CYS D 134 -8.12 43.82 -36.27
N GLY D 135 -8.02 44.57 -37.37
CA GLY D 135 -8.11 46.02 -37.31
C GLY D 135 -6.88 46.72 -36.79
N CYS D 136 -5.97 46.00 -36.16
CA CYS D 136 -4.80 46.54 -35.49
C CYS D 136 -3.53 46.06 -36.19
N PHE D 137 -2.63 47.00 -36.49
CA PHE D 137 -1.33 46.62 -37.00
C PHE D 137 -0.69 45.66 -36.00
N ASN D 138 0.15 44.75 -36.50
CA ASN D 138 0.94 43.79 -35.71
C ASN D 138 0.19 42.71 -34.95
N ALA D 139 -1.13 42.62 -35.02
CA ALA D 139 -1.87 41.72 -34.12
C ALA D 139 -1.82 42.18 -32.65
N ALA D 140 -2.24 43.47 -32.38
CA ALA D 140 -2.16 44.21 -31.10
C ALA D 140 -3.44 44.03 -30.27
N PRO D 141 -3.33 43.66 -29.00
CA PRO D 141 -4.54 43.58 -28.15
C PRO D 141 -5.17 44.95 -28.04
N SER D 142 -6.41 45.04 -28.51
CA SER D 142 -7.02 46.32 -28.80
C SER D 142 -8.00 46.69 -27.71
N CYS D 143 -8.29 47.98 -27.62
CA CYS D 143 -9.23 48.48 -26.63
C CYS D 143 -10.56 48.78 -27.30
N ILE D 144 -11.63 48.39 -26.62
CA ILE D 144 -12.99 48.72 -27.01
C ILE D 144 -13.57 49.51 -25.85
N PHE D 145 -13.84 50.80 -26.05
CA PHE D 145 -14.41 51.63 -25.01
C PHE D 145 -15.89 51.79 -25.29
N TRP D 146 -16.72 51.62 -24.27
CA TRP D 146 -18.15 51.53 -24.51
C TRP D 146 -18.95 52.24 -23.42
N ARG D 147 -20.06 52.84 -23.81
CA ARG D 147 -20.96 53.47 -22.84
C ARG D 147 -22.39 53.09 -23.09
N LYS D 148 -23.07 52.63 -22.05
CA LYS D 148 -24.47 52.30 -22.10
C LYS D 148 -25.28 53.29 -21.27
N TRP D 149 -26.31 53.88 -21.88
CA TRP D 149 -27.04 54.89 -21.13
C TRP D 149 -28.52 54.88 -21.39
N VAL D 150 -29.23 55.68 -20.64
CA VAL D 150 -30.66 55.87 -20.84
C VAL D 150 -30.86 57.27 -21.36
N GLU D 151 -31.99 57.50 -22.03
CA GLU D 151 -32.27 58.87 -22.44
C GLU D 151 -33.77 59.05 -22.58
N ASN D 152 -34.21 60.30 -22.54
CA ASN D 152 -35.62 60.63 -22.59
C ASN D 152 -35.83 61.42 -23.88
N PRO D 153 -35.97 60.72 -25.02
CA PRO D 153 -35.93 61.40 -26.31
C PRO D 153 -37.14 62.26 -26.63
N HIS D 154 -38.35 61.88 -26.21
CA HIS D 154 -39.49 62.75 -26.50
C HIS D 154 -39.88 63.61 -25.29
N GLY D 155 -39.00 63.74 -24.31
CA GLY D 155 -39.18 64.65 -23.18
C GLY D 155 -40.33 64.40 -22.23
N ILE D 156 -40.92 63.18 -22.20
CA ILE D 156 -42.08 62.86 -21.35
C ILE D 156 -41.66 62.54 -19.91
N ILE D 157 -42.54 62.88 -18.95
CA ILE D 157 -42.28 62.73 -17.51
C ILE D 157 -43.58 62.38 -16.80
N TRP D 158 -43.49 61.51 -15.79
CA TRP D 158 -44.65 61.18 -14.97
C TRP D 158 -44.38 61.54 -13.51
N LYS D 159 -45.37 62.19 -12.89
CA LYS D 159 -45.41 62.40 -11.44
C LYS D 159 -45.94 61.14 -10.79
N VAL D 160 -45.10 60.47 -10.02
CA VAL D 160 -45.40 59.20 -9.38
C VAL D 160 -45.48 59.47 -7.89
N SER D 161 -46.56 59.01 -7.27
CA SER D 161 -46.82 59.21 -5.83
C SER D 161 -47.19 57.87 -5.17
N PRO D 162 -46.26 57.25 -4.42
CA PRO D 162 -46.63 56.03 -3.70
C PRO D 162 -47.74 56.26 -2.69
N CYS D 163 -48.70 55.33 -2.66
CA CYS D 163 -49.84 55.40 -1.76
C CYS D 163 -49.49 54.66 -0.49
N VAL D 164 -49.39 55.37 0.63
CA VAL D 164 -49.01 54.68 1.85
C VAL D 164 -50.18 53.94 2.43
N ALA D 165 -51.36 54.53 2.38
CA ALA D 165 -52.53 53.80 2.82
C ALA D 165 -53.71 54.18 1.96
N TRP D 166 -54.50 53.19 1.58
CA TRP D 166 -55.76 53.43 0.89
C TRP D 166 -56.80 53.89 1.89
N VAL D 167 -57.45 55.00 1.57
CA VAL D 167 -58.26 55.69 2.56
C VAL D 167 -59.66 56.02 2.03
N PRO D 168 -60.70 55.69 2.81
CA PRO D 168 -62.08 55.70 2.28
C PRO D 168 -62.61 57.06 1.84
N SER D 169 -63.35 57.04 0.72
CA SER D 169 -64.25 58.10 0.31
C SER D 169 -65.11 57.64 -0.88
N LEU D 212 -53.97 44.98 -2.02
CA LEU D 212 -53.65 46.04 -2.96
C LEU D 212 -52.61 46.96 -2.38
N THR D 213 -51.69 46.36 -1.62
CA THR D 213 -50.46 47.03 -1.25
C THR D 213 -49.69 47.48 -2.50
N ASP D 214 -48.79 48.46 -2.30
CA ASP D 214 -47.84 48.86 -3.33
C ASP D 214 -48.49 49.47 -4.55
N LEU D 215 -49.54 50.26 -4.36
CA LEU D 215 -50.05 51.07 -5.45
C LEU D 215 -49.50 52.48 -5.41
N CYS D 216 -49.55 53.14 -6.58
CA CYS D 216 -49.03 54.49 -6.77
C CYS D 216 -49.87 55.20 -7.83
N GLU D 217 -50.10 56.50 -7.62
CA GLU D 217 -50.57 57.34 -8.72
C GLU D 217 -49.47 57.61 -9.73
N ILE D 218 -49.79 57.45 -11.02
CA ILE D 218 -48.91 57.87 -12.10
C ILE D 218 -49.63 58.92 -12.91
N GLU D 219 -49.36 60.19 -12.61
CA GLU D 219 -49.88 61.31 -13.36
C GLU D 219 -48.90 61.59 -14.48
N GLU D 220 -49.40 61.67 -15.71
CA GLU D 220 -48.57 62.17 -16.79
C GLU D 220 -48.45 63.67 -16.63
N LEU D 221 -47.37 64.27 -17.12
CA LEU D 221 -47.26 65.70 -16.84
C LEU D 221 -47.81 66.61 -17.91
N LYS D 222 -47.64 66.30 -19.19
CA LYS D 222 -48.34 67.13 -20.14
C LYS D 222 -49.82 66.80 -20.13
N SER D 223 -50.15 65.55 -20.44
CA SER D 223 -51.53 65.14 -20.62
C SER D 223 -52.33 65.17 -19.34
N LYS D 224 -51.70 65.30 -18.17
CA LYS D 224 -52.42 65.16 -16.91
C LYS D 224 -53.16 63.81 -16.82
N LYS D 225 -52.78 62.87 -17.69
CA LYS D 225 -53.27 61.50 -17.61
C LYS D 225 -52.80 60.87 -16.31
N LEU D 226 -53.74 60.27 -15.58
CA LEU D 226 -53.44 59.55 -14.36
C LEU D 226 -53.41 58.04 -14.60
N ALA D 227 -52.78 57.33 -13.67
CA ALA D 227 -52.76 55.88 -13.69
C ALA D 227 -52.46 55.38 -12.28
N LEU D 228 -52.75 54.10 -12.06
CA LEU D 228 -52.45 53.44 -10.80
C LEU D 228 -51.66 52.19 -11.13
N ALA D 229 -50.57 51.96 -10.43
CA ALA D 229 -49.74 50.82 -10.79
C ALA D 229 -48.83 50.50 -9.64
N PRO D 230 -48.17 49.36 -9.67
CA PRO D 230 -47.08 49.12 -8.73
C PRO D 230 -45.92 50.05 -9.03
N CYS D 231 -45.24 50.53 -7.98
CA CYS D 231 -44.03 51.32 -8.18
C CYS D 231 -43.09 51.12 -6.99
N ASN D 232 -41.82 51.45 -7.22
CA ASN D 232 -40.84 51.42 -6.16
C ASN D 232 -41.13 52.51 -5.15
N GLN D 233 -40.73 52.26 -3.91
CA GLN D 233 -40.70 53.36 -2.97
C GLN D 233 -39.52 54.27 -3.31
N ALA D 234 -39.73 55.56 -3.07
CA ALA D 234 -38.79 56.60 -3.48
C ALA D 234 -37.36 56.23 -3.08
N GLY D 235 -36.44 56.40 -4.02
CA GLY D 235 -35.03 56.19 -3.75
C GLY D 235 -34.58 54.76 -3.88
N MET D 236 -35.30 53.95 -4.65
CA MET D 236 -34.97 52.54 -4.80
C MET D 236 -35.10 52.17 -6.27
N GLY D 237 -33.96 52.11 -6.97
CA GLY D 237 -33.95 51.73 -8.36
C GLY D 237 -34.14 50.23 -8.52
N VAL D 238 -35.05 49.65 -7.72
CA VAL D 238 -35.41 48.23 -7.79
C VAL D 238 -35.83 47.89 -9.21
N VAL D 239 -35.09 46.98 -9.84
CA VAL D 239 -35.45 46.54 -11.18
C VAL D 239 -36.85 45.94 -11.18
N GLY D 240 -37.61 46.22 -12.25
CA GLY D 240 -38.88 45.56 -12.51
C GLY D 240 -40.08 46.48 -12.43
N LYS D 241 -40.00 47.54 -11.65
CA LYS D 241 -41.17 48.31 -11.22
C LYS D 241 -41.09 49.75 -11.75
N VAL D 242 -42.25 50.42 -11.78
CA VAL D 242 -42.27 51.83 -12.15
C VAL D 242 -41.32 52.62 -11.26
N GLY D 243 -40.38 53.34 -11.85
CA GLY D 243 -39.39 54.00 -11.03
C GLY D 243 -38.13 53.21 -10.83
N GLU D 244 -37.89 52.19 -11.63
CA GLU D 244 -36.53 51.68 -11.76
C GLU D 244 -35.54 52.82 -11.92
N ILE D 245 -35.86 53.74 -12.82
CA ILE D 245 -35.15 54.99 -13.00
C ILE D 245 -36.07 56.06 -12.44
N GLN D 246 -35.59 56.74 -11.39
CA GLN D 246 -36.35 57.79 -10.73
C GLN D 246 -35.56 59.07 -10.76
N CYS D 247 -36.18 60.11 -11.26
CA CYS D 247 -35.57 61.41 -11.19
C CYS D 247 -36.28 62.22 -10.12
N SER D 248 -35.47 62.99 -9.40
CA SER D 248 -35.92 63.70 -8.21
C SER D 248 -36.47 65.05 -8.55
N SER D 249 -36.69 65.34 -9.85
CA SER D 249 -37.13 66.64 -10.33
C SER D 249 -37.67 66.54 -11.75
N GLU D 250 -38.73 67.32 -12.02
CA GLU D 250 -39.26 67.35 -13.38
C GLU D 250 -38.18 67.74 -14.38
N GLU D 251 -37.27 68.65 -13.99
CA GLU D 251 -36.18 69.01 -14.88
C GLU D 251 -35.22 67.83 -15.13
N SER D 252 -34.89 67.05 -14.09
CA SER D 252 -34.02 65.89 -14.30
C SER D 252 -34.74 64.77 -15.03
N ALA D 253 -36.03 64.60 -14.76
CA ALA D 253 -36.76 63.62 -15.54
C ALA D 253 -36.79 64.02 -17.01
N ARG D 254 -36.64 65.31 -17.31
CA ARG D 254 -36.70 65.78 -18.70
C ARG D 254 -35.53 65.27 -19.54
N THR D 255 -34.33 65.18 -18.97
CA THR D 255 -33.17 64.64 -19.70
C THR D 255 -32.37 63.62 -18.88
N ILE D 256 -32.91 63.15 -17.76
CA ILE D 256 -32.28 62.09 -16.99
C ILE D 256 -30.82 62.42 -16.69
N LYS D 257 -30.58 63.52 -15.97
CA LYS D 257 -29.22 63.85 -15.54
C LYS D 257 -28.73 62.86 -14.52
N LYS D 258 -27.43 62.55 -14.57
CA LYS D 258 -26.90 61.73 -13.49
C LYS D 258 -27.13 62.42 -12.17
N ASP D 259 -27.28 63.75 -12.21
CA ASP D 259 -27.37 64.56 -11.01
C ASP D 259 -28.70 64.35 -10.32
N GLY D 260 -29.80 64.67 -11.00
CA GLY D 260 -31.12 64.52 -10.41
C GLY D 260 -31.63 63.08 -10.21
N CYS D 261 -31.06 62.08 -10.91
CA CYS D 261 -31.67 60.75 -11.03
C CYS D 261 -30.87 59.59 -10.44
N ILE D 262 -31.62 58.58 -10.02
CA ILE D 262 -31.08 57.30 -9.58
C ILE D 262 -31.53 56.25 -10.59
N TRP D 263 -30.92 55.06 -10.49
CA TRP D 263 -31.26 53.86 -11.28
C TRP D 263 -30.32 52.72 -10.89
N ASN D 264 -30.71 51.50 -11.21
CA ASN D 264 -29.71 50.46 -11.38
C ASN D 264 -29.18 50.55 -12.80
N ALA D 265 -27.86 50.51 -12.97
CA ALA D 265 -27.38 50.53 -14.35
C ALA D 265 -27.43 49.14 -15.01
N ASP D 266 -27.83 48.10 -14.27
CA ASP D 266 -28.08 46.82 -14.94
C ASP D 266 -29.48 46.74 -15.58
N LEU D 267 -30.25 47.83 -15.57
CA LEU D 267 -31.42 47.84 -16.44
C LEU D 267 -31.02 47.81 -17.91
N VAL D 268 -29.83 48.23 -18.27
CA VAL D 268 -29.39 48.14 -19.66
C VAL D 268 -28.21 47.20 -19.72
N GLY D 269 -28.32 46.18 -20.57
CA GLY D 269 -27.22 45.30 -20.88
C GLY D 269 -26.66 45.66 -22.24
N ILE D 270 -25.36 45.46 -22.41
CA ILE D 270 -24.70 45.68 -23.69
C ILE D 270 -23.90 44.45 -24.04
N GLU D 271 -23.84 44.11 -25.33
CA GLU D 271 -22.88 43.08 -25.70
C GLU D 271 -22.15 43.40 -27.00
N LEU D 272 -20.83 43.40 -26.91
CA LEU D 272 -19.95 43.86 -27.96
C LEU D 272 -19.71 42.77 -28.97
N ARG D 273 -19.53 43.22 -30.20
CA ARG D 273 -19.10 42.49 -31.38
C ARG D 273 -17.79 43.10 -31.86
N VAL D 274 -17.41 42.72 -33.08
CA VAL D 274 -16.13 43.13 -33.61
C VAL D 274 -16.08 44.64 -33.75
N ASP D 275 -17.14 45.23 -34.33
CA ASP D 275 -17.16 46.63 -34.74
C ASP D 275 -18.35 47.41 -34.22
N ASP D 276 -19.08 46.90 -33.25
CA ASP D 276 -20.20 47.61 -32.64
C ASP D 276 -20.62 46.87 -31.39
N ALA D 277 -21.78 47.20 -30.86
CA ALA D 277 -22.38 46.41 -29.81
C ALA D 277 -23.89 46.48 -29.94
N VAL D 278 -24.55 45.65 -29.14
CA VAL D 278 -25.97 45.38 -29.28
C VAL D 278 -26.55 45.76 -27.94
N CYS D 279 -27.33 46.84 -27.89
CA CYS D 279 -28.06 47.11 -26.68
C CYS D 279 -29.20 46.13 -26.43
N TYR D 280 -29.38 45.78 -25.14
CA TYR D 280 -30.55 45.12 -24.61
C TYR D 280 -31.10 45.98 -23.47
N SER D 281 -32.42 46.04 -23.37
CA SER D 281 -33.09 46.95 -22.46
C SER D 281 -34.11 46.18 -21.67
N LYS D 282 -33.98 46.22 -20.33
CA LYS D 282 -34.97 45.68 -19.41
C LYS D 282 -35.82 46.76 -18.75
N ILE D 283 -35.95 47.93 -19.39
CA ILE D 283 -36.65 49.08 -18.82
C ILE D 283 -38.15 48.85 -18.93
N THR D 284 -38.83 48.76 -17.80
CA THR D 284 -40.27 48.61 -17.85
C THR D 284 -40.91 49.89 -18.31
N SER D 285 -41.68 49.84 -19.39
CA SER D 285 -42.20 51.09 -19.91
C SER D 285 -43.36 51.52 -19.05
N VAL D 286 -43.26 52.75 -18.57
CA VAL D 286 -44.35 53.38 -17.85
C VAL D 286 -45.60 53.29 -18.68
N GLU D 287 -45.43 53.63 -19.96
CA GLU D 287 -46.51 53.69 -20.91
C GLU D 287 -47.20 52.34 -21.02
N ALA D 288 -46.45 51.26 -20.79
CA ALA D 288 -46.97 49.91 -20.92
C ALA D 288 -47.61 49.40 -19.63
N VAL D 289 -47.52 50.15 -18.54
CA VAL D 289 -48.27 49.84 -17.33
C VAL D 289 -49.37 50.87 -17.10
N ALA D 290 -49.38 51.98 -17.84
CA ALA D 290 -50.26 53.11 -17.62
C ALA D 290 -51.25 53.34 -18.76
N ASN D 291 -51.29 52.44 -19.75
CA ASN D 291 -52.44 52.28 -20.64
C ASN D 291 -53.32 51.10 -20.23
N TYR D 292 -52.71 50.06 -19.66
CA TYR D 292 -53.46 48.91 -19.14
C TYR D 292 -54.17 49.26 -17.84
N SER D 293 -53.55 50.11 -17.01
CA SER D 293 -54.06 50.47 -15.69
C SER D 293 -54.38 51.97 -15.58
N ALA D 294 -54.81 52.59 -16.67
CA ALA D 294 -55.11 54.03 -16.70
C ALA D 294 -56.49 54.35 -16.15
N GLN E 1 -5.96 40.19 -24.70
CA GLN E 1 -6.94 39.17 -24.31
C GLN E 1 -7.52 39.40 -22.92
N VAL E 2 -8.79 39.01 -22.75
CA VAL E 2 -9.48 38.99 -21.45
C VAL E 2 -9.18 37.67 -20.73
N GLN E 3 -8.81 37.74 -19.45
CA GLN E 3 -8.44 36.54 -18.70
C GLN E 3 -9.00 36.60 -17.29
N LEU E 4 -9.28 35.43 -16.73
CA LEU E 4 -9.84 35.31 -15.39
C LEU E 4 -9.24 34.09 -14.71
N VAL E 5 -8.59 34.31 -13.57
CA VAL E 5 -7.73 33.29 -12.93
C VAL E 5 -8.31 32.92 -11.57
N GLN E 6 -8.84 31.71 -11.43
CA GLN E 6 -9.33 31.32 -10.12
C GLN E 6 -8.22 30.80 -9.25
N SER E 7 -8.58 30.54 -7.99
CA SER E 7 -7.74 29.85 -7.02
C SER E 7 -8.52 29.64 -5.74
N GLY E 8 -7.99 28.76 -4.89
CA GLY E 8 -8.56 28.51 -3.60
C GLY E 8 -9.27 27.17 -3.43
N GLY E 9 -8.95 26.16 -4.24
CA GLY E 9 -9.68 24.91 -4.15
C GLY E 9 -9.40 24.10 -2.90
N GLY E 10 -9.55 22.77 -2.99
CA GLY E 10 -9.10 21.85 -1.96
C GLY E 10 -10.21 20.93 -1.47
N VAL E 11 -9.84 20.06 -0.55
CA VAL E 11 -10.80 19.19 0.10
C VAL E 11 -11.22 19.83 1.40
N VAL E 12 -12.42 19.51 1.88
CA VAL E 12 -12.95 20.09 3.11
C VAL E 12 -13.99 19.15 3.68
N LYS E 13 -14.04 19.08 5.01
CA LYS E 13 -14.99 18.21 5.69
C LYS E 13 -16.39 18.73 5.53
N THR E 14 -17.32 17.82 5.33
CA THR E 14 -18.73 18.16 5.30
C THR E 14 -19.12 19.01 6.51
N GLY E 15 -19.79 20.13 6.26
CA GLY E 15 -20.28 21.03 7.27
C GLY E 15 -19.44 22.28 7.45
N ARG E 16 -18.19 22.27 7.01
CA ARG E 16 -17.27 23.39 7.17
C ARG E 16 -17.33 24.33 5.96
N SER E 17 -16.29 25.13 5.76
CA SER E 17 -16.31 26.29 4.89
C SER E 17 -15.19 26.24 3.84
N GLN E 18 -15.36 27.02 2.77
CA GLN E 18 -14.32 27.18 1.77
C GLN E 18 -14.52 28.51 1.04
N ARG E 19 -13.43 29.07 0.51
CA ARG E 19 -13.47 30.30 -0.27
C ARG E 19 -12.64 30.14 -1.54
N VAL E 20 -13.30 30.25 -2.71
CA VAL E 20 -12.62 30.27 -4.02
C VAL E 20 -12.74 31.68 -4.60
N SER E 21 -11.77 32.07 -5.43
CA SER E 21 -11.67 33.44 -5.92
C SER E 21 -11.23 33.52 -7.37
N CYS E 22 -11.48 34.70 -7.98
CA CYS E 22 -11.40 34.93 -9.42
C CYS E 22 -10.77 36.28 -9.66
N ALA E 23 -9.58 36.33 -10.29
CA ALA E 23 -8.87 37.57 -10.50
C ALA E 23 -8.68 37.83 -11.99
N THR E 24 -9.12 39.00 -12.44
CA THR E 24 -9.39 39.34 -13.84
C THR E 24 -8.43 40.37 -14.40
N SER E 25 -8.09 40.25 -15.68
CA SER E 25 -7.39 41.31 -16.40
C SER E 25 -7.91 41.40 -17.82
N GLY E 26 -7.57 42.49 -18.49
CA GLY E 26 -7.93 42.72 -19.88
C GLY E 26 -9.01 43.76 -20.07
N PHE E 27 -9.80 44.04 -19.04
CA PHE E 27 -11.00 44.86 -19.17
C PHE E 27 -11.14 45.77 -17.95
N THR E 28 -12.35 46.26 -17.70
CA THR E 28 -12.61 47.25 -16.64
C THR E 28 -13.39 46.57 -15.51
N PHE E 29 -12.65 45.90 -14.60
CA PHE E 29 -13.23 44.96 -13.65
C PHE E 29 -14.54 45.38 -12.99
N SER E 30 -14.57 46.58 -12.45
CA SER E 30 -15.74 47.01 -11.70
C SER E 30 -16.79 47.68 -12.59
N SER E 31 -16.71 47.42 -13.92
CA SER E 31 -17.76 47.67 -14.89
C SER E 31 -18.50 46.40 -15.28
N TYR E 32 -18.08 45.23 -14.77
CA TYR E 32 -18.59 43.91 -15.13
C TYR E 32 -19.12 43.18 -13.91
N ALA E 33 -20.25 42.49 -14.08
CA ALA E 33 -20.71 41.51 -13.13
C ALA E 33 -19.94 40.21 -13.32
N ILE E 34 -19.89 39.37 -12.26
CA ILE E 34 -19.18 38.10 -12.31
C ILE E 34 -20.10 37.00 -11.80
N HIS E 35 -20.05 35.83 -12.47
CA HIS E 35 -20.90 34.68 -12.16
C HIS E 35 -20.07 33.48 -11.72
N TRP E 36 -20.68 32.66 -10.87
CA TRP E 36 -20.11 31.39 -10.47
C TRP E 36 -21.06 30.28 -10.90
N VAL E 37 -20.50 29.31 -11.63
CA VAL E 37 -21.13 28.04 -12.05
C VAL E 37 -20.23 26.86 -11.65
N ARG E 38 -20.84 25.79 -11.14
CA ARG E 38 -20.10 24.61 -10.73
C ARG E 38 -20.48 23.45 -11.62
N GLN E 39 -19.60 22.45 -11.66
CA GLN E 39 -19.88 21.23 -12.41
C GLN E 39 -19.58 20.05 -11.50
N ALA E 40 -20.64 19.37 -11.03
CA ALA E 40 -20.46 18.18 -10.23
C ALA E 40 -19.73 17.12 -11.09
N PRO E 41 -19.20 16.07 -10.47
CA PRO E 41 -18.33 15.16 -11.22
C PRO E 41 -19.12 14.37 -12.25
N GLY E 42 -18.75 14.52 -13.53
CA GLY E 42 -19.45 13.84 -14.61
C GLY E 42 -20.90 14.21 -14.76
N LYS E 43 -21.26 15.46 -14.44
CA LYS E 43 -22.62 15.98 -14.54
C LYS E 43 -22.62 17.18 -15.49
N GLY E 44 -23.77 17.83 -15.57
CA GLY E 44 -23.95 19.00 -16.41
C GLY E 44 -23.40 20.22 -15.73
N LEU E 45 -23.70 21.39 -16.31
CA LEU E 45 -23.47 22.62 -15.59
C LEU E 45 -24.72 22.96 -14.79
N GLU E 46 -24.49 23.63 -13.67
CA GLU E 46 -25.53 24.16 -12.79
C GLU E 46 -25.14 25.57 -12.42
N TRP E 47 -26.12 26.48 -12.43
CA TRP E 47 -25.82 27.87 -12.18
C TRP E 47 -25.91 28.17 -10.69
N VAL E 48 -24.87 28.81 -10.13
CA VAL E 48 -24.69 28.95 -8.69
C VAL E 48 -25.09 30.32 -8.16
N ALA E 49 -24.34 31.35 -8.56
CA ALA E 49 -24.57 32.66 -7.97
C ALA E 49 -23.96 33.74 -8.85
N VAL E 50 -24.25 34.98 -8.49
CA VAL E 50 -23.78 36.13 -9.27
C VAL E 50 -23.70 37.39 -8.41
N ILE E 51 -22.67 38.20 -8.67
CA ILE E 51 -22.51 39.50 -8.04
C ILE E 51 -22.47 40.55 -9.14
N SER E 52 -23.27 41.61 -8.98
CA SER E 52 -23.44 42.60 -10.05
C SER E 52 -22.19 43.46 -10.16
N TYR E 53 -22.25 44.49 -11.00
CA TYR E 53 -21.07 45.28 -11.31
C TYR E 53 -20.43 45.89 -10.07
N ASP E 54 -21.22 46.13 -9.03
CA ASP E 54 -20.79 46.87 -7.85
C ASP E 54 -21.01 46.11 -6.54
N GLY E 55 -21.42 44.85 -6.59
CA GLY E 55 -21.75 44.12 -5.39
C GLY E 55 -23.13 44.38 -4.84
N SER E 56 -23.84 45.40 -5.35
CA SER E 56 -25.11 45.80 -4.73
C SER E 56 -26.15 44.70 -4.82
N ASN E 57 -26.21 43.99 -5.95
CA ASN E 57 -27.13 42.87 -6.12
C ASN E 57 -26.38 41.55 -6.28
N LYS E 58 -26.76 40.60 -5.45
CA LYS E 58 -26.24 39.25 -5.57
C LYS E 58 -27.43 38.31 -5.65
N TYR E 59 -27.34 37.32 -6.55
CA TYR E 59 -28.40 36.34 -6.71
C TYR E 59 -27.82 34.93 -6.63
N TYR E 60 -28.58 34.02 -6.05
CA TYR E 60 -28.10 32.68 -5.75
C TYR E 60 -29.17 31.67 -6.19
N ALA E 61 -28.71 30.52 -6.69
CA ALA E 61 -29.61 29.43 -7.07
C ALA E 61 -30.45 28.99 -5.88
N ASP E 62 -31.42 28.11 -6.12
CA ASP E 62 -32.25 27.68 -4.99
C ASP E 62 -31.54 26.72 -4.05
N SER E 63 -30.45 26.10 -4.50
CA SER E 63 -29.77 25.12 -3.68
C SER E 63 -28.70 25.69 -2.77
N VAL E 64 -28.06 26.81 -3.14
CA VAL E 64 -27.04 27.43 -2.29
C VAL E 64 -27.48 28.73 -1.66
N LYS E 65 -28.58 29.33 -2.11
CA LYS E 65 -29.14 30.50 -1.43
C LYS E 65 -29.36 30.17 0.04
N GLY E 66 -28.87 31.04 0.91
CA GLY E 66 -28.82 30.82 2.35
C GLY E 66 -27.52 30.21 2.87
N ARG E 67 -26.60 29.82 1.98
CA ARG E 67 -25.35 29.19 2.38
C ARG E 67 -24.11 29.80 1.71
N PHE E 68 -24.25 30.40 0.54
CA PHE E 68 -23.10 30.96 -0.15
C PHE E 68 -23.14 32.48 -0.10
N THR E 69 -21.97 33.09 -0.19
CA THR E 69 -21.85 34.53 -0.29
C THR E 69 -20.91 34.87 -1.43
N ILE E 70 -21.30 35.83 -2.22
CA ILE E 70 -20.40 36.39 -3.19
C ILE E 70 -20.05 37.81 -2.74
N SER E 71 -18.84 38.24 -3.11
CA SER E 71 -18.32 39.54 -2.72
C SER E 71 -17.19 39.89 -3.66
N ARG E 72 -16.78 41.17 -3.67
CA ARG E 72 -15.75 41.57 -4.62
C ARG E 72 -14.88 42.73 -4.10
N ASP E 73 -13.63 42.71 -4.56
CA ASP E 73 -12.53 43.52 -4.08
C ASP E 73 -12.02 44.27 -5.29
N SER E 74 -12.51 45.50 -5.43
CA SER E 74 -12.19 46.34 -6.59
C SER E 74 -10.69 46.53 -6.80
N SER E 75 -9.93 46.70 -5.72
CA SER E 75 -8.53 47.10 -5.89
C SER E 75 -7.66 45.94 -6.34
N LYS E 76 -7.95 44.71 -5.89
CA LYS E 76 -7.23 43.53 -6.34
C LYS E 76 -7.81 42.93 -7.61
N ASN E 77 -8.85 43.54 -8.18
CA ASN E 77 -9.62 42.92 -9.27
C ASN E 77 -10.01 41.49 -8.95
N THR E 78 -10.72 41.29 -7.85
CA THR E 78 -11.04 39.93 -7.45
C THR E 78 -12.52 39.82 -7.14
N VAL E 79 -13.09 38.65 -7.41
CA VAL E 79 -14.40 38.27 -6.91
C VAL E 79 -14.21 37.01 -6.08
N TYR E 80 -14.87 36.96 -4.92
CA TYR E 80 -14.77 35.86 -3.98
C TYR E 80 -16.14 35.21 -3.82
N LEU E 81 -16.16 33.87 -3.84
CA LEU E 81 -17.32 33.08 -3.43
C LEU E 81 -16.90 32.39 -2.15
N GLN E 82 -17.58 32.74 -1.08
CA GLN E 82 -17.49 32.02 0.17
C GLN E 82 -18.61 31.00 0.18
N MET E 83 -18.31 29.78 0.65
CA MET E 83 -19.19 28.63 0.60
C MET E 83 -19.20 28.06 2.01
N ASN E 84 -20.30 28.22 2.71
CA ASN E 84 -20.41 27.72 4.08
C ASN E 84 -21.45 26.62 4.16
N SER E 85 -21.47 25.96 5.32
CA SER E 85 -22.34 24.81 5.52
C SER E 85 -22.20 23.83 4.37
N LEU E 86 -20.95 23.60 3.95
CA LEU E 86 -20.67 22.74 2.81
C LEU E 86 -21.30 21.36 3.03
N ARG E 87 -21.76 20.77 1.95
CA ARG E 87 -22.32 19.43 1.99
C ARG E 87 -21.63 18.58 0.93
N THR E 88 -21.86 17.26 0.97
CA THR E 88 -21.22 16.34 0.02
C THR E 88 -21.53 16.68 -1.44
N GLU E 89 -22.77 17.10 -1.76
CA GLU E 89 -23.16 17.29 -3.15
C GLU E 89 -22.42 18.44 -3.82
N ASP E 90 -22.04 19.47 -3.03
CA ASP E 90 -21.29 20.67 -3.45
C ASP E 90 -19.94 20.37 -4.10
N THR E 91 -19.52 19.11 -4.09
CA THR E 91 -18.27 18.71 -4.72
C THR E 91 -18.34 18.93 -6.23
N ALA E 92 -17.44 19.75 -6.76
CA ALA E 92 -17.52 20.18 -8.14
C ALA E 92 -16.29 20.98 -8.52
N VAL E 93 -16.05 21.11 -9.83
CA VAL E 93 -15.07 22.09 -10.30
C VAL E 93 -15.85 23.39 -10.42
N TYR E 94 -15.36 24.45 -9.79
CA TYR E 94 -16.05 25.74 -9.75
C TYR E 94 -15.43 26.69 -10.76
N TYR E 95 -16.27 27.18 -11.68
CA TYR E 95 -15.91 28.14 -12.72
C TYR E 95 -16.49 29.52 -12.43
N CYS E 96 -15.69 30.53 -12.73
CA CYS E 96 -16.12 31.92 -12.69
C CYS E 96 -16.10 32.45 -14.11
N ALA E 97 -17.12 33.22 -14.48
CA ALA E 97 -17.13 33.82 -15.82
C ALA E 97 -17.82 35.17 -15.82
N ARG E 98 -17.33 36.03 -16.72
CA ARG E 98 -17.72 37.44 -16.87
C ARG E 98 -19.11 37.64 -17.45
N SER E 99 -19.76 38.77 -17.10
CA SER E 99 -21.02 39.13 -17.76
C SER E 99 -21.20 40.62 -17.54
N GLN E 100 -21.65 41.37 -18.55
CA GLN E 100 -21.64 42.79 -18.25
C GLN E 100 -22.79 43.07 -17.30
N ALA E 101 -24.02 42.99 -17.76
CA ALA E 101 -25.07 43.15 -16.78
C ALA E 101 -25.07 41.93 -15.86
N SER E 102 -25.75 42.06 -14.73
CA SER E 102 -25.79 40.90 -13.84
C SER E 102 -26.61 39.75 -14.40
N TRP E 103 -27.40 39.97 -15.46
CA TRP E 103 -28.25 38.93 -16.05
C TRP E 103 -27.85 38.47 -17.45
N GLN E 104 -26.83 39.05 -18.07
CA GLN E 104 -26.54 38.53 -19.41
C GLN E 104 -25.81 37.20 -19.34
N ALA E 105 -25.60 36.58 -20.49
CA ALA E 105 -24.76 35.39 -20.61
C ALA E 105 -23.30 35.69 -20.29
N PHE E 106 -22.57 34.65 -19.84
CA PHE E 106 -21.13 34.71 -19.57
C PHE E 106 -20.36 34.75 -20.88
N ASP E 107 -19.21 35.42 -20.94
CA ASP E 107 -18.44 35.25 -22.16
C ASP E 107 -17.12 34.51 -21.96
N TYR E 108 -16.17 35.06 -21.18
CA TYR E 108 -14.87 34.43 -21.00
C TYR E 108 -14.87 33.68 -19.65
N TRP E 109 -14.35 32.46 -19.64
CA TRP E 109 -14.41 31.65 -18.44
C TRP E 109 -13.06 31.60 -17.73
N GLY E 110 -13.10 31.14 -16.48
CA GLY E 110 -11.92 30.73 -15.76
C GLY E 110 -11.62 29.25 -16.02
N GLN E 111 -10.49 28.81 -15.47
CA GLN E 111 -9.99 27.44 -15.61
C GLN E 111 -10.63 26.45 -14.64
N GLY E 112 -11.49 26.91 -13.74
CA GLY E 112 -12.12 26.03 -12.77
C GLY E 112 -11.16 25.79 -11.63
N THR E 113 -11.65 25.92 -10.42
CA THR E 113 -10.90 25.59 -9.23
C THR E 113 -11.76 24.57 -8.47
N LEU E 114 -11.18 23.41 -8.19
CA LEU E 114 -11.94 22.26 -7.70
C LEU E 114 -12.17 22.27 -6.19
N VAL E 115 -13.40 21.92 -5.77
CA VAL E 115 -13.77 21.79 -4.36
C VAL E 115 -14.32 20.38 -4.13
N THR E 116 -13.77 19.68 -3.12
CA THR E 116 -14.19 18.31 -2.75
C THR E 116 -14.70 18.35 -1.32
N VAL E 117 -16.00 18.10 -1.10
CA VAL E 117 -16.61 18.23 0.23
C VAL E 117 -17.07 16.85 0.69
N SER E 118 -16.43 16.35 1.74
CA SER E 118 -16.63 14.98 2.16
C SER E 118 -16.42 14.88 3.67
N SER E 119 -17.19 13.98 4.29
CA SER E 119 -16.97 13.55 5.66
C SER E 119 -15.80 12.58 5.83
N ALA E 120 -15.06 12.29 4.76
CA ALA E 120 -13.93 11.37 4.73
C ALA E 120 -12.62 12.06 5.16
N SER E 121 -11.54 11.26 5.18
CA SER E 121 -10.21 11.69 5.58
C SER E 121 -9.14 10.93 4.80
N THR E 122 -7.98 11.57 4.62
CA THR E 122 -6.97 11.09 3.67
C THR E 122 -6.64 9.62 3.94
N LYS E 123 -6.63 8.82 2.87
CA LYS E 123 -6.32 7.40 2.97
C LYS E 123 -5.40 7.01 1.82
N GLY E 124 -4.61 5.97 2.04
CA GLY E 124 -3.80 5.43 0.99
C GLY E 124 -4.61 4.46 0.16
N PRO E 125 -4.16 4.20 -1.07
CA PRO E 125 -4.87 3.24 -1.93
C PRO E 125 -4.46 1.80 -1.61
N SER E 126 -5.42 0.92 -1.40
CA SER E 126 -5.10 -0.51 -1.41
C SER E 126 -4.98 -0.94 -2.88
N VAL E 127 -3.86 -1.50 -3.28
CA VAL E 127 -3.68 -1.97 -4.65
C VAL E 127 -3.76 -3.48 -4.67
N PHE E 128 -4.73 -4.02 -5.40
CA PHE E 128 -4.91 -5.46 -5.58
C PHE E 128 -4.66 -5.82 -7.04
N PRO E 129 -4.34 -7.08 -7.35
CA PRO E 129 -4.09 -7.46 -8.75
C PRO E 129 -5.36 -7.95 -9.45
N LEU E 130 -5.33 -7.86 -10.80
CA LEU E 130 -6.34 -8.43 -11.70
C LEU E 130 -5.58 -9.37 -12.66
N ALA E 131 -5.54 -10.70 -12.38
CA ALA E 131 -4.54 -11.52 -13.08
C ALA E 131 -5.10 -12.16 -14.34
N PRO E 132 -4.32 -12.19 -15.42
CA PRO E 132 -4.78 -12.85 -16.65
C PRO E 132 -4.71 -14.36 -16.53
N SER E 133 -5.57 -15.05 -17.28
CA SER E 133 -5.56 -16.52 -17.25
C SER E 133 -6.10 -17.06 -18.56
N SER E 134 -6.61 -18.30 -18.49
CA SER E 134 -7.45 -18.88 -19.52
C SER E 134 -8.90 -18.43 -19.42
N LYS E 135 -9.26 -17.59 -18.42
CA LYS E 135 -10.55 -16.91 -18.32
C LYS E 135 -10.56 -15.50 -18.96
N SER E 136 -9.44 -15.04 -19.51
CA SER E 136 -9.40 -13.81 -20.32
C SER E 136 -8.48 -13.97 -21.53
N THR E 137 -8.50 -15.15 -22.17
CA THR E 137 -7.79 -15.42 -23.43
C THR E 137 -8.82 -15.32 -24.56
N SER E 138 -8.83 -14.20 -25.29
CA SER E 138 -9.83 -13.93 -26.33
C SER E 138 -9.09 -13.75 -27.66
N GLY E 139 -8.80 -14.88 -28.32
CA GLY E 139 -8.08 -14.87 -29.57
C GLY E 139 -6.58 -14.73 -29.46
N GLY E 140 -5.97 -15.34 -28.45
CA GLY E 140 -4.55 -15.12 -28.19
C GLY E 140 -4.20 -13.72 -27.74
N THR E 141 -5.12 -13.02 -27.07
CA THR E 141 -4.84 -11.72 -26.46
C THR E 141 -5.50 -11.66 -25.08
N ALA E 142 -4.71 -11.37 -24.04
CA ALA E 142 -5.16 -11.44 -22.66
C ALA E 142 -5.16 -10.07 -21.99
N ALA E 143 -5.90 -9.96 -20.89
CA ALA E 143 -6.09 -8.67 -20.22
C ALA E 143 -5.74 -8.80 -18.76
N LEU E 144 -4.92 -7.87 -18.27
CA LEU E 144 -4.45 -7.90 -16.90
C LEU E 144 -4.51 -6.49 -16.33
N GLY E 145 -4.74 -6.37 -15.04
CA GLY E 145 -4.89 -5.03 -14.49
C GLY E 145 -4.56 -4.90 -13.01
N CYS E 146 -4.88 -3.70 -12.49
CA CYS E 146 -4.81 -3.35 -11.08
C CYS E 146 -6.18 -2.85 -10.62
N LEU E 147 -6.62 -3.25 -9.42
CA LEU E 147 -7.78 -2.65 -8.77
C LEU E 147 -7.26 -1.73 -7.68
N VAL E 148 -7.39 -0.43 -7.87
CA VAL E 148 -6.95 0.56 -6.88
C VAL E 148 -8.18 0.88 -6.03
N LYS E 149 -8.31 0.21 -4.89
CA LYS E 149 -9.55 0.23 -4.14
C LYS E 149 -9.38 0.98 -2.83
N ASP E 150 -10.49 1.61 -2.43
CA ASP E 150 -10.68 2.17 -1.10
C ASP E 150 -9.62 3.24 -0.79
N TYR E 151 -9.69 4.35 -1.54
CA TYR E 151 -8.88 5.53 -1.26
C TYR E 151 -9.73 6.79 -1.25
N PHE E 152 -9.07 7.88 -0.83
CA PHE E 152 -9.55 9.26 -0.69
C PHE E 152 -8.31 10.13 -0.46
N PRO E 153 -8.23 11.31 -1.04
CA PRO E 153 -9.10 11.87 -2.08
C PRO E 153 -8.39 11.88 -3.46
N GLU E 154 -9.14 12.03 -4.56
CA GLU E 154 -8.59 11.95 -5.90
C GLU E 154 -7.46 12.96 -6.11
N PRO E 155 -6.59 12.75 -7.10
CA PRO E 155 -6.48 11.64 -8.06
C PRO E 155 -5.46 10.59 -7.70
N VAL E 156 -5.58 9.39 -8.24
CA VAL E 156 -4.44 8.47 -8.33
C VAL E 156 -4.07 8.38 -9.81
N THR E 157 -2.78 8.50 -10.12
CA THR E 157 -2.34 8.40 -11.50
C THR E 157 -1.66 7.04 -11.67
N VAL E 158 -2.11 6.29 -12.67
CA VAL E 158 -1.69 4.91 -12.89
C VAL E 158 -0.83 4.85 -14.15
N SER E 159 0.30 4.19 -14.05
CA SER E 159 1.19 3.99 -15.18
C SER E 159 1.56 2.51 -15.18
N TRP E 160 2.07 2.00 -16.29
CA TRP E 160 2.36 0.58 -16.37
C TRP E 160 3.84 0.37 -16.72
N ASN E 161 4.48 -0.59 -16.03
CA ASN E 161 5.92 -0.88 -16.17
C ASN E 161 6.72 0.40 -16.05
N SER E 162 6.25 1.31 -15.21
CA SER E 162 6.76 2.67 -15.06
C SER E 162 6.73 3.44 -16.38
N GLY E 163 5.86 3.02 -17.31
CA GLY E 163 5.58 3.78 -18.52
C GLY E 163 5.76 3.06 -19.85
N ALA E 164 6.61 2.04 -19.92
CA ALA E 164 6.93 1.42 -21.21
C ALA E 164 5.88 0.43 -21.63
N LEU E 165 4.77 0.37 -20.90
CA LEU E 165 3.56 -0.30 -21.34
C LEU E 165 2.45 0.76 -21.37
N THR E 166 2.19 1.33 -22.57
CA THR E 166 1.11 2.31 -22.83
C THR E 166 0.04 1.75 -23.77
N SER E 167 0.46 1.34 -24.96
CA SER E 167 -0.46 0.88 -25.97
C SER E 167 -1.41 -0.16 -25.38
N GLY E 168 -2.69 0.04 -25.60
CA GLY E 168 -3.65 -0.93 -25.13
C GLY E 168 -4.10 -0.79 -23.70
N VAL E 169 -3.77 0.31 -22.99
CA VAL E 169 -4.21 0.48 -21.61
C VAL E 169 -5.58 1.16 -21.61
N HIS E 170 -6.38 0.86 -20.58
CA HIS E 170 -7.59 1.60 -20.23
C HIS E 170 -7.51 1.88 -18.75
N THR E 171 -7.33 3.15 -18.39
CA THR E 171 -7.44 3.59 -17.01
C THR E 171 -8.79 4.22 -16.77
N PHE E 172 -9.56 3.61 -15.91
CA PHE E 172 -10.96 3.95 -15.71
C PHE E 172 -11.13 5.13 -14.79
N PRO E 173 -12.26 5.80 -14.89
CA PRO E 173 -12.63 6.79 -13.90
C PRO E 173 -12.85 6.13 -12.55
N ALA E 174 -12.38 6.79 -11.50
CA ALA E 174 -12.69 6.31 -10.17
C ALA E 174 -14.21 6.25 -10.02
N VAL E 175 -14.68 5.27 -9.25
CA VAL E 175 -16.05 5.28 -8.76
C VAL E 175 -15.96 5.68 -7.29
N LEU E 176 -17.12 5.91 -6.66
CA LEU E 176 -17.15 6.31 -5.25
C LEU E 176 -18.08 5.34 -4.51
N GLN E 177 -17.54 4.53 -3.61
CA GLN E 177 -18.31 3.45 -3.00
C GLN E 177 -19.04 3.87 -1.73
N SER E 178 -20.11 3.11 -1.41
CA SER E 178 -20.97 3.33 -0.25
C SER E 178 -20.13 3.67 0.97
N SER E 179 -18.93 3.09 1.01
CA SER E 179 -17.93 3.48 1.99
C SER E 179 -17.65 4.98 1.93
N GLY E 180 -17.57 5.55 0.73
CA GLY E 180 -17.02 6.88 0.57
C GLY E 180 -15.59 6.92 0.11
N LEU E 181 -15.06 5.82 -0.39
CA LEU E 181 -13.72 5.74 -0.90
C LEU E 181 -13.74 5.19 -2.33
N TYR E 182 -12.76 5.65 -3.11
CA TYR E 182 -12.79 5.49 -4.56
C TYR E 182 -12.30 4.12 -4.95
N SER E 183 -12.92 3.54 -5.98
CA SER E 183 -12.58 2.22 -6.49
C SER E 183 -12.29 2.41 -7.96
N LEU E 184 -11.07 2.82 -8.29
CA LEU E 184 -10.86 2.83 -9.72
C LEU E 184 -10.21 1.52 -10.14
N SER E 185 -10.22 1.27 -11.43
CA SER E 185 -9.71 0.05 -12.00
C SER E 185 -8.66 0.47 -13.01
N SER E 186 -7.92 -0.49 -13.55
CA SER E 186 -7.05 -0.16 -14.66
C SER E 186 -6.62 -1.46 -15.32
N VAL E 187 -6.62 -1.49 -16.65
CA VAL E 187 -6.37 -2.74 -17.38
C VAL E 187 -5.50 -2.48 -18.60
N VAL E 188 -4.88 -3.54 -19.09
CA VAL E 188 -4.11 -3.49 -20.33
C VAL E 188 -4.32 -4.80 -21.06
N THR E 189 -4.34 -4.72 -22.38
CA THR E 189 -4.28 -5.89 -23.22
C THR E 189 -2.82 -6.18 -23.49
N VAL E 190 -2.49 -7.46 -23.46
CA VAL E 190 -1.18 -7.97 -23.86
C VAL E 190 -1.42 -9.14 -24.78
N PRO E 191 -0.42 -9.54 -25.56
CA PRO E 191 -0.50 -10.86 -26.20
C PRO E 191 -0.12 -11.98 -25.23
N SER E 192 -0.84 -13.11 -25.31
CA SER E 192 -0.72 -14.18 -24.31
C SER E 192 0.71 -14.69 -24.18
N SER E 193 1.43 -14.81 -25.30
CA SER E 193 2.75 -15.42 -25.27
C SER E 193 3.74 -14.65 -24.41
N SER E 194 3.51 -13.35 -24.22
CA SER E 194 4.39 -12.56 -23.37
C SER E 194 4.04 -12.66 -21.89
N LEU E 195 2.93 -13.32 -21.52
CA LEU E 195 2.56 -13.34 -20.10
C LEU E 195 3.57 -14.07 -19.23
N GLY E 196 4.45 -14.88 -19.82
CA GLY E 196 5.51 -15.51 -19.06
C GLY E 196 6.89 -14.92 -19.28
N THR E 197 7.11 -14.27 -20.41
CA THR E 197 8.42 -13.74 -20.73
C THR E 197 8.58 -12.28 -20.31
N GLN E 198 7.46 -11.57 -20.15
CA GLN E 198 7.38 -10.15 -19.82
C GLN E 198 6.80 -9.97 -18.42
N THR E 199 7.43 -9.10 -17.63
CA THR E 199 6.91 -8.73 -16.33
C THR E 199 6.00 -7.51 -16.46
N TYR E 200 4.93 -7.50 -15.69
CA TYR E 200 3.94 -6.44 -15.71
C TYR E 200 3.79 -5.86 -14.32
N ILE E 201 4.07 -4.55 -14.19
CA ILE E 201 4.02 -3.82 -12.91
C ILE E 201 3.17 -2.56 -13.14
N CYS E 202 2.15 -2.36 -12.30
CA CYS E 202 1.44 -1.09 -12.36
C CYS E 202 1.93 -0.19 -11.24
N ASN E 203 1.96 1.11 -11.50
CA ASN E 203 2.48 2.13 -10.59
C ASN E 203 1.36 3.12 -10.28
N VAL E 204 0.84 3.07 -9.05
CA VAL E 204 -0.23 3.94 -8.59
C VAL E 204 0.40 5.04 -7.76
N ASN E 205 0.17 6.30 -8.15
CA ASN E 205 0.77 7.45 -7.50
C ASN E 205 -0.38 8.25 -6.92
N HIS E 206 -0.49 8.26 -5.60
CA HIS E 206 -1.48 9.04 -4.87
C HIS E 206 -0.69 9.98 -3.95
N LYS E 207 -0.30 11.14 -4.50
CA LYS E 207 0.40 12.21 -3.78
C LYS E 207 -0.46 12.93 -2.73
N PRO E 208 -1.79 12.89 -2.79
CA PRO E 208 -2.60 13.33 -1.64
C PRO E 208 -2.34 12.63 -0.30
N SER E 209 -1.71 11.46 -0.28
CA SER E 209 -1.28 10.83 0.95
C SER E 209 0.20 10.47 0.89
N ASN E 210 0.93 11.15 -0.01
CA ASN E 210 2.36 10.93 -0.29
C ASN E 210 2.69 9.45 -0.51
N THR E 211 1.71 8.67 -0.99
CA THR E 211 1.84 7.24 -1.25
C THR E 211 2.19 6.96 -2.71
N LYS E 212 2.98 5.92 -2.91
CA LYS E 212 3.26 5.33 -4.21
C LYS E 212 3.14 3.83 -3.98
N VAL E 213 2.67 3.08 -4.99
CA VAL E 213 2.50 1.64 -4.84
C VAL E 213 2.83 0.97 -6.17
N ASP E 214 3.76 0.03 -6.17
CA ASP E 214 4.01 -0.79 -7.34
C ASP E 214 3.39 -2.17 -7.09
N LYS E 215 2.69 -2.69 -8.07
CA LYS E 215 2.11 -4.01 -7.90
C LYS E 215 2.54 -4.87 -9.07
N LYS E 216 3.02 -6.08 -8.79
CA LYS E 216 3.44 -7.00 -9.83
C LYS E 216 2.26 -7.91 -10.15
N VAL E 217 1.75 -7.79 -11.37
CA VAL E 217 0.68 -8.66 -11.84
C VAL E 217 1.30 -9.77 -12.67
N GLU E 218 1.10 -11.01 -12.22
CA GLU E 218 1.59 -12.25 -12.78
C GLU E 218 0.42 -13.21 -12.98
N PRO E 219 0.60 -14.22 -13.83
CA PRO E 219 -0.43 -15.25 -13.99
C PRO E 219 -0.68 -16.04 -12.71
N LYS E 220 -1.90 -16.61 -12.59
CA LYS E 220 -2.27 -17.58 -11.55
C LYS E 220 -2.84 -18.86 -12.18
N SER E 221 -2.81 -19.97 -11.43
CA SER E 221 -3.19 -21.31 -11.90
C SER E 221 -4.67 -21.64 -11.64
N CYS E 222 -5.51 -21.51 -12.68
CA CYS E 222 -6.96 -21.75 -12.59
C CYS E 222 -7.46 -22.99 -13.34
N ASP E 223 -6.61 -23.95 -13.65
CA ASP E 223 -7.07 -25.07 -14.49
C ASP E 223 -6.81 -26.41 -13.82
N LYS E 224 -7.15 -26.55 -12.56
CA LYS E 224 -6.79 -27.75 -11.80
C LYS E 224 -7.86 -28.85 -11.83
N ASP F 1 -40.44 27.98 -11.38
CA ASP F 1 -39.08 27.91 -11.92
C ASP F 1 -38.98 27.26 -13.30
N ILE F 2 -38.17 27.89 -14.16
CA ILE F 2 -37.97 27.45 -15.55
C ILE F 2 -37.16 26.17 -15.56
N GLN F 3 -37.47 25.27 -16.50
CA GLN F 3 -36.85 23.96 -16.57
C GLN F 3 -36.43 23.69 -18.01
N MET F 4 -35.12 23.61 -18.25
CA MET F 4 -34.55 23.51 -19.59
C MET F 4 -34.17 22.08 -19.93
N THR F 5 -34.75 21.56 -21.00
CA THR F 5 -34.54 20.20 -21.51
C THR F 5 -33.83 20.25 -22.86
N GLN F 6 -32.71 19.57 -23.01
CA GLN F 6 -32.10 19.49 -24.34
C GLN F 6 -32.51 18.18 -24.99
N SER F 7 -32.42 18.11 -26.31
CA SER F 7 -32.46 16.78 -26.94
C SER F 7 -31.73 16.87 -28.27
N PRO F 8 -31.16 15.75 -28.76
CA PRO F 8 -31.13 14.44 -28.14
C PRO F 8 -30.24 14.53 -26.92
N SER F 9 -30.44 13.71 -25.88
CA SER F 9 -29.51 13.74 -24.77
C SER F 9 -28.08 13.50 -25.25
N SER F 10 -27.90 12.61 -26.23
CA SER F 10 -26.60 12.48 -26.88
C SER F 10 -26.79 11.86 -28.26
N LEU F 11 -25.96 12.29 -29.21
CA LEU F 11 -26.01 11.80 -30.58
C LEU F 11 -24.60 11.47 -31.09
N SER F 12 -24.59 10.63 -32.14
CA SER F 12 -23.38 10.20 -32.84
C SER F 12 -23.46 10.65 -34.28
N ALA F 13 -22.44 11.38 -34.73
CA ALA F 13 -22.42 11.97 -36.06
C ALA F 13 -20.98 11.98 -36.57
N SER F 14 -20.81 12.25 -37.87
CA SER F 14 -19.50 12.17 -38.50
C SER F 14 -19.14 13.44 -39.25
N VAL F 15 -17.86 13.52 -39.65
CA VAL F 15 -17.34 14.70 -40.34
C VAL F 15 -18.12 15.00 -41.62
N GLY F 16 -18.33 16.28 -41.88
CA GLY F 16 -19.13 16.72 -43.00
C GLY F 16 -20.62 16.77 -42.71
N ASP F 17 -21.08 16.12 -41.64
CA ASP F 17 -22.50 16.06 -41.33
C ASP F 17 -23.07 17.43 -40.99
N ARG F 18 -24.40 17.47 -40.96
CA ARG F 18 -25.18 18.57 -40.43
C ARG F 18 -25.69 18.14 -39.06
N VAL F 19 -25.66 19.05 -38.08
CA VAL F 19 -26.03 18.69 -36.72
C VAL F 19 -27.01 19.73 -36.16
N THR F 20 -28.04 19.24 -35.46
CA THR F 20 -29.11 20.07 -34.92
C THR F 20 -29.48 19.62 -33.51
N ILE F 21 -29.09 20.42 -32.53
CA ILE F 21 -29.46 20.20 -31.14
C ILE F 21 -30.58 21.17 -30.79
N THR F 22 -31.59 20.69 -30.05
CA THR F 22 -32.70 21.56 -29.68
C THR F 22 -32.79 21.71 -28.16
N CYS F 23 -32.84 22.95 -27.69
CA CYS F 23 -33.06 23.27 -26.29
C CYS F 23 -34.49 23.75 -26.10
N ARG F 24 -35.16 23.29 -25.05
CA ARG F 24 -36.55 23.66 -24.88
C ARG F 24 -36.84 24.04 -23.44
N ALA F 25 -37.60 25.12 -23.23
CA ALA F 25 -37.91 25.63 -21.91
C ALA F 25 -39.35 25.34 -21.52
N SER F 26 -39.60 25.36 -20.22
CA SER F 26 -40.92 25.14 -19.67
C SER F 26 -41.73 26.42 -19.48
N GLN F 27 -41.15 27.57 -19.80
CA GLN F 27 -41.84 28.86 -19.81
C GLN F 27 -41.20 29.72 -20.89
N GLY F 28 -41.81 30.85 -21.18
CA GLY F 28 -41.11 31.79 -22.02
C GLY F 28 -39.74 32.14 -21.46
N VAL F 29 -38.75 32.23 -22.33
CA VAL F 29 -37.43 32.76 -21.99
C VAL F 29 -37.05 33.76 -23.08
N GLY F 30 -38.06 34.23 -23.83
CA GLY F 30 -37.82 35.28 -24.80
C GLY F 30 -36.77 34.86 -25.80
N THR F 31 -35.73 35.69 -25.94
CA THR F 31 -34.52 35.35 -26.68
C THR F 31 -33.28 35.31 -25.79
N ASP F 32 -33.44 35.33 -24.46
CA ASP F 32 -32.35 35.31 -23.47
C ASP F 32 -31.81 33.90 -23.36
N LEU F 33 -30.99 33.50 -24.33
CA LEU F 33 -30.57 32.10 -24.37
C LEU F 33 -29.22 31.95 -25.04
N ALA F 34 -28.41 31.01 -24.56
CA ALA F 34 -27.02 31.02 -25.00
C ALA F 34 -26.46 29.62 -25.05
N TRP F 35 -25.49 29.40 -25.91
CA TRP F 35 -25.05 28.05 -26.25
C TRP F 35 -23.55 27.97 -26.07
N TYR F 36 -23.10 26.95 -25.29
CA TYR F 36 -21.71 26.74 -24.86
C TYR F 36 -21.20 25.37 -25.27
N GLN F 37 -19.94 25.34 -25.68
CA GLN F 37 -19.21 24.16 -26.13
C GLN F 37 -18.22 23.83 -25.05
N GLN F 38 -18.29 22.60 -24.53
CA GLN F 38 -17.36 22.14 -23.49
C GLN F 38 -16.76 20.81 -23.86
N LYS F 39 -15.49 20.82 -24.19
CA LYS F 39 -14.78 19.58 -24.30
C LYS F 39 -14.46 19.08 -22.89
N PRO F 40 -14.16 17.79 -22.70
CA PRO F 40 -14.17 17.24 -21.33
C PRO F 40 -13.05 17.83 -20.48
N GLY F 41 -13.41 18.19 -19.25
CA GLY F 41 -12.46 18.77 -18.31
C GLY F 41 -11.73 20.00 -18.80
N LYS F 42 -12.37 20.78 -19.66
CA LYS F 42 -11.78 22.01 -20.18
C LYS F 42 -12.71 23.18 -19.90
N ALA F 43 -12.26 24.36 -20.25
CA ALA F 43 -13.07 25.53 -20.08
C ALA F 43 -14.27 25.48 -21.01
N PRO F 44 -15.49 25.66 -20.51
CA PRO F 44 -16.61 25.90 -21.42
C PRO F 44 -16.34 27.15 -22.24
N ASN F 45 -16.86 27.17 -23.47
CA ASN F 45 -16.75 28.31 -24.38
C ASN F 45 -18.14 28.78 -24.76
N ARG F 46 -18.33 30.08 -24.93
CA ARG F 46 -19.57 30.60 -25.46
C ARG F 46 -19.52 30.65 -26.98
N LEU F 47 -20.54 30.03 -27.61
CA LEU F 47 -20.82 30.01 -29.04
C LEU F 47 -21.87 31.02 -29.47
N ILE F 48 -23.00 31.09 -28.75
CA ILE F 48 -24.16 31.86 -29.19
C ILE F 48 -24.78 32.62 -28.03
N PHE F 49 -25.15 33.87 -28.29
CA PHE F 49 -25.89 34.69 -27.35
C PHE F 49 -27.08 35.35 -28.07
N ALA F 50 -28.01 35.89 -27.28
CA ALA F 50 -29.24 36.47 -27.81
C ALA F 50 -30.06 35.47 -28.61
N ALA F 51 -29.77 34.20 -28.42
CA ALA F 51 -30.34 33.05 -29.12
C ALA F 51 -29.84 32.92 -30.54
N SER F 52 -29.28 33.99 -31.13
CA SER F 52 -28.89 33.97 -32.54
C SER F 52 -27.56 34.63 -32.91
N ASN F 53 -26.88 35.35 -32.03
CA ASN F 53 -25.64 36.04 -32.39
C ASN F 53 -24.42 35.12 -32.31
N LEU F 54 -23.63 35.06 -33.38
CA LEU F 54 -22.39 34.27 -33.36
C LEU F 54 -21.37 34.94 -32.47
N GLN F 55 -20.97 34.28 -31.39
CA GLN F 55 -19.93 34.80 -30.51
C GLN F 55 -18.69 35.22 -31.28
N SER F 56 -18.16 36.39 -30.94
CA SER F 56 -17.03 36.92 -31.67
C SER F 56 -15.88 35.93 -31.61
N GLY F 57 -15.45 35.45 -32.80
CA GLY F 57 -14.35 34.51 -32.93
C GLY F 57 -14.73 33.07 -33.22
N VAL F 58 -16.00 32.70 -33.06
CA VAL F 58 -16.56 31.36 -33.32
C VAL F 58 -16.74 31.07 -34.82
N PRO F 59 -16.54 29.82 -35.30
CA PRO F 59 -16.59 29.55 -36.75
C PRO F 59 -17.95 29.83 -37.36
N SER F 60 -17.95 30.13 -38.66
CA SER F 60 -19.22 30.41 -39.31
C SER F 60 -20.10 29.17 -39.43
N ARG F 61 -19.51 27.98 -39.44
CA ARG F 61 -20.27 26.74 -39.54
C ARG F 61 -21.18 26.53 -38.33
N PHE F 62 -21.22 27.49 -37.42
CA PHE F 62 -22.12 27.47 -36.29
C PHE F 62 -23.21 28.51 -36.48
N SER F 63 -24.41 28.21 -35.98
CA SER F 63 -25.49 29.18 -36.02
C SER F 63 -26.55 28.79 -35.01
N GLY F 64 -27.13 29.78 -34.34
CA GLY F 64 -28.14 29.52 -33.34
C GLY F 64 -29.43 30.08 -33.86
N SER F 65 -30.59 29.67 -33.35
CA SER F 65 -31.81 30.35 -33.75
C SER F 65 -32.86 29.95 -32.74
N GLY F 66 -34.02 30.58 -32.82
CA GLY F 66 -35.07 30.25 -31.87
C GLY F 66 -35.55 31.47 -31.12
N SER F 67 -36.44 31.21 -30.17
CA SER F 67 -37.17 32.26 -29.45
C SER F 67 -38.13 31.53 -28.54
N GLY F 68 -38.83 32.28 -27.69
CA GLY F 68 -39.90 31.67 -26.90
C GLY F 68 -39.49 30.47 -26.04
N THR F 69 -39.91 29.24 -26.45
CA THR F 69 -39.46 28.02 -25.77
C THR F 69 -38.62 27.07 -26.62
N GLU F 70 -38.40 27.29 -27.90
CA GLU F 70 -37.57 26.34 -28.63
C GLU F 70 -36.38 27.05 -29.25
N PHE F 71 -35.22 26.42 -29.14
CA PHE F 71 -34.01 27.00 -29.69
C PHE F 71 -33.22 25.92 -30.37
N THR F 72 -32.52 26.27 -31.43
CA THR F 72 -31.80 25.29 -32.22
C THR F 72 -30.38 25.73 -32.49
N LEU F 73 -29.44 24.92 -32.05
CA LEU F 73 -28.05 25.11 -32.38
C LEU F 73 -27.81 24.25 -33.62
N THR F 74 -27.01 24.77 -34.57
CA THR F 74 -26.91 24.20 -35.91
C THR F 74 -25.48 24.26 -36.39
N ILE F 75 -24.86 23.10 -36.62
CA ILE F 75 -23.59 23.08 -37.34
C ILE F 75 -23.89 22.70 -38.79
N SER F 76 -23.47 23.55 -39.72
CA SER F 76 -23.63 23.17 -41.12
C SER F 76 -22.71 21.99 -41.47
N SER F 77 -21.42 22.05 -41.09
CA SER F 77 -20.52 20.96 -41.52
C SER F 77 -19.55 20.53 -40.42
N LEU F 78 -19.97 19.55 -39.62
CA LEU F 78 -19.19 19.06 -38.49
C LEU F 78 -17.72 18.89 -38.82
N GLN F 79 -16.88 19.61 -38.09
CA GLN F 79 -15.45 19.47 -38.19
C GLN F 79 -14.89 18.71 -37.00
N PRO F 80 -13.70 18.13 -37.12
CA PRO F 80 -13.25 17.19 -36.09
C PRO F 80 -13.32 17.77 -34.70
N GLU F 81 -13.06 19.06 -34.53
CA GLU F 81 -13.06 19.60 -33.18
C GLU F 81 -14.46 19.72 -32.60
N ASP F 82 -15.47 19.86 -33.44
CA ASP F 82 -16.79 20.19 -32.92
C ASP F 82 -17.38 19.08 -32.04
N PHE F 83 -16.72 17.93 -31.89
CA PHE F 83 -17.17 16.90 -30.96
C PHE F 83 -16.94 17.37 -29.55
N ALA F 84 -18.01 17.34 -28.76
CA ALA F 84 -17.97 17.98 -27.45
C ALA F 84 -19.30 17.75 -26.77
N THR F 85 -19.48 18.28 -25.58
CA THR F 85 -20.84 18.42 -25.05
C THR F 85 -21.30 19.87 -25.25
N TYR F 86 -22.60 20.07 -25.52
CA TYR F 86 -23.14 21.39 -25.82
C TYR F 86 -24.33 21.68 -24.92
N TYR F 87 -24.33 22.86 -24.29
CA TYR F 87 -25.35 23.17 -23.31
C TYR F 87 -25.96 24.52 -23.63
N CYS F 88 -27.24 24.63 -23.35
CA CYS F 88 -27.94 25.90 -23.38
C CYS F 88 -28.08 26.47 -21.97
N LEU F 89 -28.31 27.78 -21.88
CA LEU F 89 -28.53 28.53 -20.64
C LEU F 89 -29.63 29.57 -20.88
N HIS F 90 -30.61 29.66 -19.99
CA HIS F 90 -31.62 30.68 -20.15
C HIS F 90 -31.34 31.72 -19.09
N HIS F 91 -31.15 32.97 -19.47
CA HIS F 91 -30.96 33.98 -18.46
C HIS F 91 -32.14 34.94 -18.43
N ASN F 92 -33.32 34.42 -18.71
CA ASN F 92 -34.48 35.30 -18.74
C ASN F 92 -34.88 35.78 -17.36
N SER F 93 -34.48 35.07 -16.29
CA SER F 93 -34.88 35.46 -14.94
C SER F 93 -33.91 34.85 -13.95
N PHE F 94 -33.90 35.42 -12.75
CA PHE F 94 -33.13 34.75 -11.71
C PHE F 94 -34.02 33.77 -10.93
N PRO F 95 -33.54 32.57 -10.62
CA PRO F 95 -32.22 32.04 -10.93
C PRO F 95 -32.07 31.69 -12.39
N LEU F 96 -30.88 31.88 -12.93
CA LEU F 96 -30.55 31.32 -14.23
C LEU F 96 -30.51 29.82 -14.12
N ALA F 97 -30.39 29.16 -15.26
CA ALA F 97 -30.46 27.71 -15.31
C ALA F 97 -29.84 27.20 -16.60
N PHE F 98 -29.11 26.09 -16.50
CA PHE F 98 -28.59 25.40 -17.67
C PHE F 98 -29.54 24.31 -18.16
N GLY F 99 -29.30 23.87 -19.42
CA GLY F 99 -29.96 22.71 -19.97
C GLY F 99 -29.23 21.44 -19.64
N GLY F 100 -29.84 20.31 -20.02
CA GLY F 100 -29.24 19.03 -19.67
C GLY F 100 -27.86 18.83 -20.28
N GLY F 101 -27.73 19.09 -21.57
CA GLY F 101 -26.52 18.87 -22.36
C GLY F 101 -26.71 17.80 -23.44
N THR F 102 -25.98 17.99 -24.54
CA THR F 102 -25.98 17.06 -25.68
C THR F 102 -24.56 16.68 -25.99
N LYS F 103 -24.24 15.41 -25.87
CA LYS F 103 -22.92 14.95 -26.24
C LYS F 103 -22.91 14.57 -27.72
N VAL F 104 -21.99 15.15 -28.48
CA VAL F 104 -21.86 14.86 -29.91
C VAL F 104 -20.50 14.20 -30.12
N GLU F 105 -20.53 12.87 -30.29
CA GLU F 105 -19.39 11.97 -30.42
C GLU F 105 -19.15 11.53 -31.86
N ILE F 106 -18.08 10.73 -32.05
CA ILE F 106 -17.71 10.18 -33.36
C ILE F 106 -18.52 8.93 -33.63
N LYS F 107 -19.01 8.81 -34.85
CA LYS F 107 -19.69 7.62 -35.33
C LYS F 107 -18.74 6.78 -36.18
N ARG F 108 -18.69 5.48 -35.87
CA ARG F 108 -17.86 4.51 -36.57
C ARG F 108 -18.69 3.24 -36.78
N THR F 109 -18.09 2.21 -37.39
CA THR F 109 -18.86 0.98 -37.60
C THR F 109 -19.12 0.29 -36.26
N VAL F 110 -20.05 -0.66 -36.29
CA VAL F 110 -20.42 -1.35 -35.06
C VAL F 110 -19.32 -2.35 -34.72
N ALA F 111 -18.87 -2.32 -33.48
CA ALA F 111 -17.81 -3.20 -33.03
C ALA F 111 -18.21 -3.81 -31.70
N ALA F 112 -17.92 -5.15 -31.54
CA ALA F 112 -18.28 -5.95 -30.37
C ALA F 112 -17.23 -5.81 -29.27
N PRO F 113 -17.66 -5.87 -28.00
CA PRO F 113 -16.69 -5.77 -26.90
C PRO F 113 -15.94 -7.06 -26.72
N SER F 114 -14.64 -6.95 -26.45
CA SER F 114 -13.99 -8.05 -25.78
C SER F 114 -14.50 -8.05 -24.34
N VAL F 115 -14.85 -9.20 -23.80
CA VAL F 115 -15.36 -9.26 -22.43
C VAL F 115 -14.45 -10.14 -21.60
N PHE F 116 -13.98 -9.63 -20.47
CA PHE F 116 -13.12 -10.37 -19.59
C PHE F 116 -13.67 -10.26 -18.17
N ILE F 117 -13.38 -11.26 -17.34
CA ILE F 117 -13.84 -11.29 -15.95
C ILE F 117 -12.67 -11.57 -15.04
N PHE F 118 -12.58 -10.81 -13.94
CA PHE F 118 -11.52 -10.89 -12.95
C PHE F 118 -12.12 -11.20 -11.57
N PRO F 119 -11.78 -12.35 -10.99
CA PRO F 119 -12.22 -12.70 -9.63
C PRO F 119 -11.41 -11.97 -8.57
N PRO F 120 -11.88 -11.92 -7.32
CA PRO F 120 -11.13 -11.22 -6.29
C PRO F 120 -9.84 -11.96 -5.97
N SER F 121 -8.79 -11.21 -5.68
CA SER F 121 -7.47 -11.74 -5.32
C SER F 121 -7.44 -12.31 -3.89
N ASP F 122 -6.45 -13.17 -3.61
CA ASP F 122 -6.29 -13.65 -2.25
C ASP F 122 -5.97 -12.51 -1.29
N GLU F 123 -5.02 -11.65 -1.68
CA GLU F 123 -4.59 -10.57 -0.79
C GLU F 123 -5.76 -9.69 -0.36
N GLN F 124 -6.82 -9.64 -1.16
CA GLN F 124 -8.05 -8.91 -0.90
C GLN F 124 -9.09 -9.76 -0.17
N LEU F 125 -9.40 -10.96 -0.71
CA LEU F 125 -10.30 -11.90 -0.05
C LEU F 125 -10.02 -12.02 1.42
N LYS F 126 -8.75 -12.30 1.74
CA LYS F 126 -8.36 -12.70 3.10
C LYS F 126 -8.62 -11.59 4.11
N SER F 127 -8.57 -10.33 3.67
CA SER F 127 -8.83 -9.17 4.52
C SER F 127 -10.32 -8.90 4.72
N GLY F 128 -11.20 -9.47 3.89
CA GLY F 128 -12.62 -9.43 4.23
C GLY F 128 -13.62 -8.93 3.22
N THR F 129 -13.23 -8.66 1.97
CA THR F 129 -14.19 -8.21 0.98
C THR F 129 -13.72 -8.64 -0.41
N ALA F 130 -14.67 -8.99 -1.29
CA ALA F 130 -14.37 -9.48 -2.62
C ALA F 130 -15.00 -8.55 -3.65
N SER F 131 -14.15 -7.95 -4.51
CA SER F 131 -14.58 -7.13 -5.64
C SER F 131 -14.34 -7.92 -6.92
N VAL F 132 -15.41 -8.42 -7.52
CA VAL F 132 -15.35 -8.98 -8.87
C VAL F 132 -15.47 -7.85 -9.89
N VAL F 133 -14.63 -7.88 -10.93
CA VAL F 133 -14.68 -6.83 -11.94
C VAL F 133 -14.96 -7.47 -13.30
N CYS F 134 -15.96 -6.94 -13.99
CA CYS F 134 -16.19 -7.29 -15.39
C CYS F 134 -15.71 -6.14 -16.28
N LEU F 135 -14.93 -6.49 -17.30
CA LEU F 135 -14.39 -5.52 -18.26
C LEU F 135 -14.97 -5.78 -19.66
N LEU F 136 -15.58 -4.76 -20.23
CA LEU F 136 -16.04 -4.71 -21.61
C LEU F 136 -15.08 -3.76 -22.33
N ASN F 137 -14.51 -4.19 -23.45
CA ASN F 137 -13.33 -3.53 -23.98
C ASN F 137 -13.44 -3.25 -25.47
N ASN F 138 -13.15 -1.99 -25.87
CA ASN F 138 -13.01 -1.55 -27.27
C ASN F 138 -14.25 -1.88 -28.12
N PHE F 139 -15.33 -1.16 -27.82
CA PHE F 139 -16.61 -1.41 -28.45
C PHE F 139 -17.29 -0.10 -28.83
N TYR F 140 -18.27 -0.21 -29.74
CA TYR F 140 -19.13 0.90 -30.20
C TYR F 140 -20.47 0.38 -30.70
N PRO F 141 -21.60 1.02 -30.35
CA PRO F 141 -21.77 2.22 -29.50
C PRO F 141 -21.71 2.00 -27.98
N ARG F 142 -21.70 3.10 -27.20
CA ARG F 142 -21.45 3.08 -25.76
C ARG F 142 -22.48 2.28 -24.96
N GLU F 143 -23.64 2.00 -25.53
CA GLU F 143 -24.74 1.46 -24.74
C GLU F 143 -24.55 -0.04 -24.53
N ALA F 144 -24.54 -0.47 -23.27
CA ALA F 144 -24.33 -1.87 -22.93
C ALA F 144 -24.91 -2.17 -21.56
N LYS F 145 -25.55 -3.34 -21.43
CA LYS F 145 -26.15 -3.73 -20.16
C LYS F 145 -25.32 -4.83 -19.51
N VAL F 146 -24.92 -4.59 -18.28
CA VAL F 146 -24.03 -5.45 -17.53
C VAL F 146 -24.88 -6.02 -16.39
N GLN F 147 -25.25 -7.30 -16.49
CA GLN F 147 -26.01 -7.97 -15.43
C GLN F 147 -25.13 -8.98 -14.73
N TRP F 148 -25.11 -8.94 -13.40
CA TRP F 148 -24.30 -9.86 -12.60
C TRP F 148 -25.16 -11.04 -12.20
N LYS F 149 -24.66 -12.25 -12.43
CA LYS F 149 -25.31 -13.47 -11.98
C LYS F 149 -24.40 -14.20 -11.01
N VAL F 150 -24.92 -14.54 -9.85
CA VAL F 150 -24.23 -15.31 -8.83
C VAL F 150 -24.96 -16.65 -8.69
N ASP F 151 -24.33 -17.73 -9.15
CA ASP F 151 -24.95 -19.05 -9.14
C ASP F 151 -26.29 -19.04 -9.87
N ASN F 152 -26.30 -18.54 -11.12
CA ASN F 152 -27.54 -18.44 -11.93
C ASN F 152 -28.64 -17.65 -11.22
N ALA F 153 -28.26 -16.79 -10.26
CA ALA F 153 -29.17 -15.85 -9.62
C ALA F 153 -28.70 -14.46 -9.98
N LEU F 154 -29.55 -13.72 -10.69
CA LEU F 154 -29.19 -12.41 -11.18
C LEU F 154 -29.04 -11.43 -10.02
N GLN F 155 -27.95 -10.64 -10.01
CA GLN F 155 -27.68 -9.67 -8.95
C GLN F 155 -28.21 -8.28 -9.27
N SER F 156 -28.26 -7.45 -8.22
CA SER F 156 -28.92 -6.15 -8.33
C SER F 156 -28.48 -5.25 -7.18
N GLY F 157 -27.83 -4.12 -7.50
CA GLY F 157 -27.52 -3.11 -6.51
C GLY F 157 -26.09 -3.09 -6.00
N ASN F 158 -25.38 -4.20 -6.04
CA ASN F 158 -24.04 -4.24 -5.49
C ASN F 158 -22.95 -3.91 -6.52
N SER F 159 -23.33 -3.38 -7.68
CA SER F 159 -22.37 -3.06 -8.72
C SER F 159 -22.26 -1.56 -8.89
N GLN F 160 -21.13 -1.17 -9.46
CA GLN F 160 -20.92 0.14 -10.05
C GLN F 160 -20.38 -0.05 -11.46
N GLU F 161 -20.64 0.93 -12.34
CA GLU F 161 -20.06 0.90 -13.68
C GLU F 161 -19.16 2.12 -13.84
N SER F 162 -18.31 2.08 -14.85
CA SER F 162 -17.34 3.16 -15.11
C SER F 162 -16.85 3.03 -16.55
N VAL F 163 -16.98 4.09 -17.35
CA VAL F 163 -16.75 4.04 -18.80
C VAL F 163 -15.68 5.05 -19.18
N THR F 164 -14.77 4.65 -20.07
CA THR F 164 -13.82 5.62 -20.55
C THR F 164 -14.49 6.52 -21.58
N GLU F 165 -13.94 7.71 -21.78
CA GLU F 165 -14.41 8.51 -22.90
C GLU F 165 -13.99 7.83 -24.21
N GLN F 166 -14.73 8.14 -25.26
CA GLN F 166 -14.50 7.53 -26.56
C GLN F 166 -13.01 7.65 -26.90
N ASP F 167 -12.34 6.52 -26.98
CA ASP F 167 -10.90 6.49 -27.17
C ASP F 167 -10.50 7.35 -28.37
N SER F 168 -9.31 7.93 -28.31
CA SER F 168 -8.87 8.97 -29.24
C SER F 168 -8.39 8.42 -30.57
N LYS F 169 -8.38 7.12 -30.73
CA LYS F 169 -7.64 6.52 -31.83
C LYS F 169 -8.48 5.57 -32.68
N ASP F 170 -9.55 4.98 -32.14
CA ASP F 170 -10.47 4.14 -32.90
C ASP F 170 -11.93 4.56 -32.74
N SER F 171 -12.23 5.40 -31.74
CA SER F 171 -13.59 5.82 -31.36
C SER F 171 -14.37 4.70 -30.66
N THR F 172 -13.67 3.89 -29.85
CA THR F 172 -14.27 2.80 -29.10
C THR F 172 -14.14 3.03 -27.60
N TYR F 173 -15.15 2.59 -26.88
CA TYR F 173 -15.25 2.77 -25.45
C TYR F 173 -14.64 1.57 -24.70
N SER F 174 -14.85 1.54 -23.38
CA SER F 174 -14.58 0.37 -22.55
C SER F 174 -15.24 0.57 -21.17
N LEU F 175 -16.09 -0.36 -20.73
CA LEU F 175 -16.76 -0.25 -19.43
C LEU F 175 -16.16 -1.25 -18.43
N SER F 176 -16.03 -0.84 -17.17
CA SER F 176 -15.66 -1.74 -16.07
C SER F 176 -16.71 -1.65 -14.98
N SER F 177 -17.22 -2.80 -14.54
CA SER F 177 -18.21 -2.88 -13.47
C SER F 177 -17.55 -3.54 -12.25
N THR F 178 -17.61 -2.86 -11.10
CA THR F 178 -17.05 -3.31 -9.82
C THR F 178 -18.20 -3.82 -8.95
N LEU F 179 -18.22 -5.12 -8.71
CA LEU F 179 -19.21 -5.81 -7.88
C LEU F 179 -18.60 -6.11 -6.52
N THR F 180 -19.02 -5.37 -5.50
CA THR F 180 -18.48 -5.48 -4.15
C THR F 180 -19.39 -6.35 -3.28
N LEU F 181 -18.83 -7.41 -2.66
CA LEU F 181 -19.53 -8.22 -1.66
C LEU F 181 -18.63 -8.56 -0.49
N SER F 182 -19.26 -8.91 0.62
CA SER F 182 -18.53 -9.46 1.76
C SER F 182 -17.87 -10.78 1.37
N LYS F 183 -16.71 -11.04 1.95
CA LYS F 183 -16.05 -12.33 1.72
C LYS F 183 -16.97 -13.49 2.08
N ALA F 184 -17.84 -13.29 3.08
CA ALA F 184 -18.72 -14.37 3.53
C ALA F 184 -19.77 -14.71 2.48
N ASP F 185 -20.28 -13.70 1.79
CA ASP F 185 -21.22 -13.96 0.71
C ASP F 185 -20.51 -14.51 -0.52
N TYR F 186 -19.28 -14.06 -0.78
CA TYR F 186 -18.53 -14.57 -1.91
C TYR F 186 -18.22 -16.07 -1.79
N GLU F 187 -17.82 -16.50 -0.59
CA GLU F 187 -17.38 -17.88 -0.40
C GLU F 187 -18.53 -18.87 -0.37
N LYS F 188 -19.77 -18.39 -0.19
CA LYS F 188 -21.00 -19.18 -0.18
C LYS F 188 -21.41 -19.71 -1.56
N HIS F 189 -20.67 -19.44 -2.63
CA HIS F 189 -21.20 -19.68 -3.96
C HIS F 189 -20.10 -20.15 -4.91
N LYS F 190 -20.51 -20.83 -5.99
CA LYS F 190 -19.59 -21.53 -6.90
C LYS F 190 -19.40 -20.87 -8.27
N VAL F 191 -20.45 -20.59 -9.04
CA VAL F 191 -20.33 -20.11 -10.43
C VAL F 191 -20.71 -18.63 -10.52
N TYR F 192 -19.74 -17.76 -10.82
CA TYR F 192 -19.99 -16.33 -10.95
C TYR F 192 -19.85 -15.91 -12.41
N ALA F 193 -20.79 -15.07 -12.89
CA ALA F 193 -20.81 -14.61 -14.28
C ALA F 193 -21.22 -13.15 -14.42
N CYS F 194 -20.58 -12.45 -15.36
CA CYS F 194 -21.08 -11.15 -15.82
C CYS F 194 -21.62 -11.35 -17.22
N GLU F 195 -22.79 -10.75 -17.48
CA GLU F 195 -23.50 -10.93 -18.73
C GLU F 195 -23.64 -9.56 -19.40
N VAL F 196 -23.10 -9.47 -20.61
CA VAL F 196 -22.99 -8.24 -21.37
C VAL F 196 -23.98 -8.33 -22.51
N THR F 197 -24.79 -7.32 -22.64
CA THR F 197 -25.70 -7.21 -23.77
C THR F 197 -25.27 -5.98 -24.55
N HIS F 198 -24.88 -6.20 -25.80
CA HIS F 198 -24.40 -5.15 -26.69
C HIS F 198 -24.84 -5.44 -28.12
N GLN F 199 -24.97 -4.36 -28.91
CA GLN F 199 -25.41 -4.47 -30.29
C GLN F 199 -24.43 -5.28 -31.15
N GLY F 200 -23.13 -5.12 -30.91
CA GLY F 200 -22.15 -5.84 -31.68
C GLY F 200 -22.05 -7.31 -31.35
N LEU F 201 -22.86 -7.81 -30.42
CA LEU F 201 -22.87 -9.21 -30.03
C LEU F 201 -24.22 -9.81 -30.38
N SER F 202 -24.19 -10.91 -31.14
CA SER F 202 -25.40 -11.55 -31.66
C SER F 202 -26.21 -12.21 -30.55
N SER F 203 -25.55 -12.69 -29.50
CA SER F 203 -26.21 -13.19 -28.31
C SER F 203 -25.47 -12.61 -27.12
N PRO F 204 -26.15 -12.44 -25.99
CA PRO F 204 -25.48 -11.82 -24.84
C PRO F 204 -24.30 -12.69 -24.46
N VAL F 205 -23.19 -12.05 -24.14
CA VAL F 205 -21.96 -12.78 -23.87
C VAL F 205 -21.84 -12.91 -22.38
N THR F 206 -21.64 -14.13 -21.90
CA THR F 206 -21.48 -14.43 -20.49
C THR F 206 -20.04 -14.89 -20.27
N LYS F 207 -19.34 -14.24 -19.35
CA LYS F 207 -17.98 -14.65 -18.97
C LYS F 207 -18.01 -14.96 -17.48
N SER F 208 -17.52 -16.15 -17.12
CA SER F 208 -17.64 -16.68 -15.78
C SER F 208 -16.32 -17.25 -15.27
N PHE F 209 -16.28 -17.42 -13.96
CA PHE F 209 -15.22 -18.16 -13.31
C PHE F 209 -15.89 -18.97 -12.21
N ASN F 210 -15.26 -20.11 -11.89
CA ASN F 210 -15.78 -21.06 -10.92
C ASN F 210 -14.81 -21.05 -9.74
N ARG F 211 -15.33 -20.75 -8.53
CA ARG F 211 -14.48 -20.25 -7.44
C ARG F 211 -13.37 -21.21 -7.04
N GLY F 212 -13.68 -22.51 -6.96
CA GLY F 212 -12.71 -23.46 -6.42
C GLY F 212 -11.50 -23.74 -7.29
N GLU F 213 -11.63 -23.73 -8.61
CA GLU F 213 -10.50 -24.14 -9.43
C GLU F 213 -9.39 -23.11 -9.51
N CYS F 214 -9.54 -21.98 -8.85
CA CYS F 214 -8.52 -20.94 -8.85
C CYS F 214 -7.80 -20.78 -7.50
#